data_5HU1
#
_entry.id   5HU1
#
_cell.length_a   87.050
_cell.length_b   90.200
_cell.length_c   131.360
_cell.angle_alpha   90.000
_cell.angle_beta   90.000
_cell.angle_gamma   90.000
#
_symmetry.space_group_name_H-M   'P 21 21 21'
#
loop_
_entity.id
_entity.type
_entity.pdbx_description
1 polymer 'Beta-secretase 1'
2 non-polymer N-{3-[(5R)-3-amino-2,5-dimethyl-1,1-dioxido-5,6-dihydro-2H-1,2,4-thiadiazin-5-yl]-4-fluorophenyl}-5-fluoropyridine-2-carboxamide
3 water water
#
_entity_poly.entity_id   1
_entity_poly.type   'polypeptide(L)'
_entity_poly.pdbx_seq_one_letter_code
;LPRETDEEPEEPGRRGSFVEMVDNLRGKSGQGYYVEMTVGSPPQTLNILVDTGSSNFAVGAAPHPFLHRYYQRQLSSTYR
DLRKGVYVPYTQGKWEGELGTDLVSIPHGPNVTVRANIAAITESDKFFINGSNWEGILGLAYAEIARPDDSLEPFFDSLV
KQTHVPNLFSLQLCGAGFPLNQSEVLASVGGSMIIGGIDHSLYTGSLWYTPIRREWYYEVIIVRVEINGQDLKMDCKEYN
YDKSIVDSGTTNLRLPKKVFEAAVKSIKAASSTEKFPDGFWLGEQLVCWQAGTTPWNIFPVISLYLMGEVTNQSFRITIL
PQQYLRPVEDVATSQDDCYKFAISQSSTGTVMGAVIMEGFYVVFDRARKRIGFAVSACHVHDEFRTAAVEGPFVTLDMED
CGYNIPQTDEST
;
_entity_poly.pdbx_strand_id   A,B
#
loop_
_chem_comp.id
_chem_comp.type
_chem_comp.name
_chem_comp.formula
66F non-polymer N-{3-[(5R)-3-amino-2,5-dimethyl-1,1-dioxido-5,6-dihydro-2H-1,2,4-thiadiazin-5-yl]-4-fluorophenyl}-5-fluoropyridine-2-carboxamide 'C17 H17 F2 N5 O3 S'
#
# COMPACT_ATOMS: atom_id res chain seq x y z
N ARG A 15 41.36 2.78 -16.28
CA ARG A 15 42.43 3.07 -15.30
C ARG A 15 41.89 3.65 -14.00
N GLY A 16 42.56 3.32 -12.89
CA GLY A 16 42.24 3.83 -11.56
C GLY A 16 43.12 5.02 -11.20
N SER A 17 42.51 6.22 -11.14
CA SER A 17 43.30 7.39 -10.86
C SER A 17 43.30 7.84 -9.41
N PHE A 18 42.71 7.07 -8.46
CA PHE A 18 42.74 7.55 -7.06
C PHE A 18 43.36 6.54 -6.11
N VAL A 19 44.57 6.07 -6.45
CA VAL A 19 45.25 5.01 -5.70
C VAL A 19 45.36 5.31 -4.23
N GLU A 20 45.62 6.56 -3.83
CA GLU A 20 45.78 6.94 -2.43
C GLU A 20 44.50 6.63 -1.59
N MET A 21 43.32 6.66 -2.23
CA MET A 21 42.04 6.43 -1.51
C MET A 21 41.44 5.04 -1.70
N VAL A 22 41.90 4.30 -2.69
CA VAL A 22 41.38 2.95 -2.88
C VAL A 22 41.76 2.09 -1.66
N ASP A 23 40.80 1.25 -1.18
CA ASP A 23 40.99 0.35 -0.07
C ASP A 23 41.15 1.06 1.28
N ASN A 24 40.52 2.26 1.43
CA ASN A 24 40.66 3.01 2.69
C ASN A 24 39.53 2.69 3.67
N LEU A 25 38.61 1.78 3.31
CA LEU A 25 37.55 1.42 4.26
C LEU A 25 37.78 0.06 4.87
N ARG A 26 37.20 -0.13 6.05
CA ARG A 26 37.16 -1.42 6.73
C ARG A 26 35.75 -1.60 7.30
N GLY A 27 35.39 -2.82 7.62
CA GLY A 27 34.11 -3.11 8.23
C GLY A 27 33.29 -4.12 7.45
N LYS A 28 32.00 -4.17 7.77
CA LYS A 28 31.08 -5.14 7.16
C LYS A 28 29.66 -4.69 7.36
N SER A 29 28.71 -5.31 6.67
CA SER A 29 27.33 -4.83 6.72
C SER A 29 26.70 -4.93 8.10
N GLY A 30 27.15 -5.87 8.92
CA GLY A 30 26.53 -6.01 10.24
C GLY A 30 26.80 -4.85 11.18
N GLN A 31 28.02 -4.28 11.10
CA GLN A 31 28.49 -3.27 12.05
C GLN A 31 28.86 -1.92 11.44
N GLY A 32 28.96 -1.85 10.12
CA GLY A 32 29.26 -0.59 9.43
C GLY A 32 30.63 -0.55 8.81
N TYR A 33 30.77 0.33 7.81
CA TYR A 33 32.02 0.59 7.09
C TYR A 33 32.58 1.91 7.59
N TYR A 34 33.86 1.92 7.91
CA TYR A 34 34.46 3.12 8.49
C TYR A 34 35.78 3.48 7.81
N VAL A 35 36.12 4.77 7.97
CA VAL A 35 37.35 5.34 7.42
C VAL A 35 38.15 5.96 8.59
N GLU A 36 39.48 5.93 8.48
CA GLU A 36 40.29 6.58 9.52
C GLU A 36 40.25 8.09 9.31
N MET A 37 40.13 8.83 10.43
CA MET A 37 40.20 10.31 10.33
C MET A 37 41.09 10.77 11.49
N THR A 38 41.53 12.04 11.42
CA THR A 38 42.23 12.63 12.59
C THR A 38 41.53 13.92 12.94
N VAL A 39 41.48 14.20 14.24
CA VAL A 39 40.86 15.43 14.73
C VAL A 39 41.84 16.09 15.69
N GLY A 40 41.94 17.42 15.64
CA GLY A 40 42.72 18.17 16.62
C GLY A 40 44.20 18.31 16.34
N SER A 41 44.87 19.09 17.23
CA SER A 41 46.30 19.40 17.14
C SER A 41 46.95 19.15 18.51
N PRO A 42 47.85 18.14 18.62
CA PRO A 42 48.30 17.20 17.58
C PRO A 42 47.15 16.28 17.15
N PRO A 43 47.25 15.68 15.95
CA PRO A 43 46.12 14.85 15.46
C PRO A 43 45.81 13.65 16.33
N GLN A 44 44.51 13.43 16.59
CA GLN A 44 44.00 12.28 17.34
C GLN A 44 43.31 11.40 16.32
N THR A 45 43.82 10.18 16.15
CA THR A 45 43.25 9.23 15.17
C THR A 45 41.99 8.57 15.72
N LEU A 46 40.94 8.50 14.86
CA LEU A 46 39.70 7.83 15.22
C LEU A 46 39.19 7.10 13.98
N ASN A 47 38.45 6.00 14.19
CA ASN A 47 37.78 5.32 13.08
C ASN A 47 36.35 5.84 13.05
N ILE A 48 35.88 6.20 11.85
CA ILE A 48 34.60 6.88 11.73
C ILE A 48 33.66 6.21 10.71
N LEU A 49 32.43 5.90 11.13
CA LEU A 49 31.44 5.29 10.25
C LEU A 49 31.11 6.23 9.09
N VAL A 50 31.11 5.69 7.85
CA VAL A 50 30.72 6.46 6.67
C VAL A 50 29.19 6.34 6.57
N ASP A 51 28.48 7.47 6.77
CA ASP A 51 27.02 7.46 6.82
C ASP A 51 26.36 8.44 5.87
N THR A 52 25.85 7.96 4.74
CA THR A 52 25.20 8.86 3.80
C THR A 52 23.76 9.19 4.23
N GLY A 53 23.32 8.65 5.38
CA GLY A 53 21.96 8.87 5.87
C GLY A 53 21.83 9.86 7.02
N SER A 54 22.89 10.65 7.31
CA SER A 54 22.84 11.68 8.35
C SER A 54 23.81 12.78 7.94
N SER A 55 23.81 13.90 8.68
CA SER A 55 24.63 15.04 8.27
C SER A 55 25.47 15.66 9.38
N ASN A 56 25.63 14.97 10.51
CA ASN A 56 26.51 15.44 11.60
C ASN A 56 27.80 14.64 11.64
N PHE A 57 28.90 15.33 11.98
CA PHE A 57 30.17 14.69 12.27
C PHE A 57 30.15 14.62 13.80
N ALA A 58 29.90 13.42 14.32
CA ALA A 58 29.68 13.22 15.75
C ALA A 58 30.63 12.17 16.25
N VAL A 59 31.43 12.50 17.26
CA VAL A 59 32.46 11.60 17.73
C VAL A 59 32.39 11.36 19.24
N GLY A 60 32.70 10.15 19.67
CA GLY A 60 32.80 9.87 21.09
C GLY A 60 33.84 10.80 21.69
N ALA A 61 33.46 11.49 22.80
CA ALA A 61 34.37 12.46 23.43
C ALA A 61 34.43 12.26 24.94
N ALA A 62 34.04 11.08 25.41
CA ALA A 62 34.02 10.72 26.83
C ALA A 62 34.08 9.20 26.91
N PRO A 63 34.64 8.63 28.00
CA PRO A 63 34.75 7.16 28.09
C PRO A 63 33.41 6.44 27.93
N HIS A 64 33.43 5.30 27.24
CA HIS A 64 32.24 4.47 27.07
C HIS A 64 32.72 3.02 27.04
N PRO A 65 31.95 2.05 27.63
CA PRO A 65 32.43 0.65 27.63
C PRO A 65 32.79 0.08 26.25
N PHE A 66 32.12 0.57 25.18
CA PHE A 66 32.38 0.07 23.82
C PHE A 66 33.43 0.89 23.06
N LEU A 67 34.00 1.93 23.68
CA LEU A 67 35.03 2.74 23.00
C LEU A 67 36.41 2.43 23.56
N HIS A 68 37.42 2.21 22.69
CA HIS A 68 38.81 1.99 23.13
C HIS A 68 39.57 3.33 23.09
N ARG A 69 38.97 4.33 22.42
CA ARG A 69 39.54 5.67 22.32
C ARG A 69 38.44 6.68 22.04
N TYR A 70 38.73 7.95 22.28
CA TYR A 70 37.74 9.01 22.08
C TYR A 70 38.45 10.35 21.91
N TYR A 71 37.73 11.33 21.37
CA TYR A 71 38.26 12.67 21.16
C TYR A 71 38.41 13.40 22.51
N GLN A 72 39.65 13.85 22.78
CA GLN A 72 40.01 14.56 24.01
C GLN A 72 40.24 16.03 23.67
N ARG A 73 39.18 16.83 23.79
CA ARG A 73 39.19 18.27 23.41
C ARG A 73 40.25 19.06 24.16
N GLN A 74 40.49 18.73 25.45
CA GLN A 74 41.47 19.43 26.29
C GLN A 74 42.91 19.26 25.78
N LEU A 75 43.18 18.23 24.94
CA LEU A 75 44.49 17.95 24.37
C LEU A 75 44.69 18.56 22.98
N SER A 76 43.65 19.25 22.44
CA SER A 76 43.75 19.85 21.14
C SER A 76 43.90 21.36 21.28
N SER A 77 45.02 21.89 20.76
CA SER A 77 45.25 23.34 20.83
C SER A 77 44.34 24.14 19.88
N THR A 78 43.74 23.43 18.88
CA THR A 78 42.91 24.05 17.85
C THR A 78 41.42 23.85 18.11
N TYR A 79 41.07 23.25 19.24
CA TYR A 79 39.67 23.07 19.63
C TYR A 79 39.04 24.44 19.88
N ARG A 80 37.84 24.64 19.32
CA ARG A 80 37.03 25.84 19.54
C ARG A 80 35.66 25.40 20.07
N ASP A 81 35.27 25.92 21.22
CA ASP A 81 34.01 25.55 21.86
C ASP A 81 32.90 26.48 21.34
N LEU A 82 31.82 25.90 20.77
CA LEU A 82 30.71 26.71 20.27
C LEU A 82 29.68 27.04 21.36
N ARG A 83 29.90 26.54 22.59
CA ARG A 83 29.07 26.83 23.77
C ARG A 83 27.60 26.47 23.52
N LYS A 84 27.36 25.29 22.91
CA LYS A 84 26.01 24.88 22.57
C LYS A 84 25.94 23.35 22.64
N GLY A 85 24.89 22.85 23.25
CA GLY A 85 24.63 21.41 23.35
C GLY A 85 23.69 20.96 22.26
N VAL A 86 23.65 19.64 22.04
CA VAL A 86 22.77 19.05 21.04
C VAL A 86 22.33 17.68 21.55
N TYR A 87 21.03 17.39 21.44
CA TYR A 87 20.47 16.11 21.85
C TYR A 87 19.84 15.49 20.61
N VAL A 88 20.31 14.29 20.22
CA VAL A 88 19.85 13.65 18.98
C VAL A 88 19.27 12.26 19.26
N PRO A 89 17.93 12.18 19.38
CA PRO A 89 17.32 10.85 19.59
C PRO A 89 16.92 10.21 18.26
N TYR A 90 17.24 8.93 18.09
CA TYR A 90 16.85 8.15 16.93
C TYR A 90 16.00 7.00 17.44
N THR A 91 15.40 6.22 16.54
CA THR A 91 14.67 5.02 16.95
C THR A 91 15.70 4.01 17.47
N GLN A 92 16.83 3.92 16.74
CA GLN A 92 17.98 3.03 16.86
C GLN A 92 18.95 3.34 18.02
N GLY A 93 18.67 4.41 18.78
CA GLY A 93 19.50 4.86 19.90
C GLY A 93 19.49 6.36 20.07
N LYS A 94 20.41 6.91 20.88
CA LYS A 94 20.44 8.35 21.11
C LYS A 94 21.82 8.81 21.55
N TRP A 95 22.12 10.08 21.26
CA TRP A 95 23.36 10.69 21.70
C TRP A 95 23.16 12.13 22.09
N GLU A 96 23.95 12.57 23.07
CA GLU A 96 23.95 13.94 23.59
C GLU A 96 25.38 14.43 23.45
N GLY A 97 25.53 15.66 23.01
CA GLY A 97 26.86 16.17 22.82
C GLY A 97 27.01 17.67 22.90
N GLU A 98 28.25 18.10 22.73
CA GLU A 98 28.66 19.50 22.83
C GLU A 98 29.28 19.89 21.51
N LEU A 99 28.80 20.98 20.92
CA LEU A 99 29.27 21.46 19.63
C LEU A 99 30.57 22.26 19.74
N GLY A 100 31.43 22.05 18.77
CA GLY A 100 32.68 22.78 18.66
C GLY A 100 33.24 22.64 17.27
N THR A 101 34.42 23.22 17.03
CA THR A 101 35.09 23.04 15.74
C THR A 101 36.55 22.62 16.02
N ASP A 102 37.17 21.99 15.02
CA ASP A 102 38.57 21.62 15.14
C ASP A 102 39.10 21.31 13.76
N LEU A 103 40.42 21.09 13.66
CA LEU A 103 41.04 20.73 12.38
C LEU A 103 40.90 19.22 12.18
N VAL A 104 40.45 18.85 10.98
CA VAL A 104 40.14 17.46 10.66
C VAL A 104 40.83 17.06 9.36
N SER A 105 41.36 15.82 9.33
CA SER A 105 42.01 15.28 8.13
C SER A 105 41.55 13.84 7.93
N ILE A 106 41.75 13.33 6.71
CA ILE A 106 41.46 11.94 6.36
C ILE A 106 42.81 11.42 5.83
N PRO A 107 43.56 10.67 6.66
CA PRO A 107 44.92 10.20 6.26
C PRO A 107 44.96 9.50 4.90
N HIS A 108 43.94 8.66 4.61
CA HIS A 108 43.87 8.00 3.31
C HIS A 108 42.79 8.66 2.45
N GLY A 109 42.89 9.98 2.33
CA GLY A 109 41.92 10.79 1.60
C GLY A 109 42.66 11.86 0.86
N PRO A 110 42.01 13.01 0.64
CA PRO A 110 42.71 14.12 -0.01
C PRO A 110 43.74 14.66 0.98
N ASN A 111 44.82 15.18 0.47
CA ASN A 111 45.90 15.68 1.31
C ASN A 111 45.60 17.12 1.73
N VAL A 112 44.54 17.27 2.54
CA VAL A 112 44.07 18.58 3.02
C VAL A 112 43.66 18.46 4.47
N THR A 113 43.58 19.60 5.16
CA THR A 113 43.13 19.66 6.55
C THR A 113 42.11 20.77 6.55
N VAL A 114 40.95 20.54 7.17
CA VAL A 114 39.93 21.57 7.17
C VAL A 114 39.42 21.84 8.56
N ARG A 115 38.84 23.03 8.77
CA ARG A 115 38.24 23.36 10.04
C ARG A 115 36.76 22.94 9.91
N ALA A 116 36.32 22.01 10.74
CA ALA A 116 34.97 21.47 10.65
C ALA A 116 34.26 21.44 11.95
N ASN A 117 32.93 21.41 11.90
CA ASN A 117 32.12 21.22 13.09
C ASN A 117 32.27 19.78 13.60
N ILE A 118 32.29 19.64 14.92
CA ILE A 118 32.36 18.34 15.58
C ILE A 118 31.41 18.35 16.74
N ALA A 119 30.54 17.35 16.81
CA ALA A 119 29.68 17.15 17.96
C ALA A 119 30.41 16.15 18.84
N ALA A 120 30.86 16.61 20.00
CA ALA A 120 31.60 15.81 20.96
C ALA A 120 30.60 15.09 21.83
N ILE A 121 30.46 13.77 21.62
CA ILE A 121 29.46 12.97 22.34
C ILE A 121 29.89 12.68 23.76
N THR A 122 29.06 13.17 24.72
CA THR A 122 29.32 13.04 26.15
C THR A 122 28.48 11.97 26.84
N GLU A 123 27.33 11.62 26.22
CA GLU A 123 26.40 10.64 26.75
C GLU A 123 25.69 10.01 25.58
N SER A 124 25.43 8.70 25.65
CA SER A 124 24.74 8.02 24.57
C SER A 124 24.03 6.78 25.09
N ASP A 125 23.01 6.35 24.34
CA ASP A 125 22.23 5.14 24.68
C ASP A 125 22.04 4.33 23.39
N LYS A 126 22.57 3.10 23.37
CA LYS A 126 22.49 2.15 22.25
C LYS A 126 22.96 2.78 20.93
N PHE A 127 24.00 3.64 21.00
CA PHE A 127 24.53 4.32 19.83
C PHE A 127 25.79 3.59 19.36
N PHE A 128 26.80 3.51 20.23
CA PHE A 128 28.02 2.79 19.95
C PHE A 128 27.73 1.28 19.92
N ILE A 129 28.39 0.55 19.00
CA ILE A 129 28.24 -0.91 18.82
C ILE A 129 29.49 -1.61 19.34
N ASN A 130 29.32 -2.58 20.25
CA ASN A 130 30.42 -3.36 20.77
C ASN A 130 31.12 -4.13 19.63
N GLY A 131 32.42 -3.90 19.47
CA GLY A 131 33.25 -4.55 18.46
C GLY A 131 33.20 -4.00 17.05
N SER A 132 32.49 -2.88 16.82
CA SER A 132 32.39 -2.24 15.48
C SER A 132 33.72 -1.63 15.00
N ASN A 133 34.59 -1.27 15.93
CA ASN A 133 35.88 -0.63 15.69
C ASN A 133 35.71 0.83 15.22
N TRP A 134 34.51 1.46 15.36
CA TRP A 134 34.37 2.88 15.06
C TRP A 134 33.99 3.66 16.31
N GLU A 135 34.42 4.91 16.36
CA GLU A 135 34.23 5.82 17.50
C GLU A 135 33.44 7.07 17.20
N GLY A 136 32.94 7.18 15.99
CA GLY A 136 32.16 8.34 15.60
C GLY A 136 31.52 8.08 14.26
N ILE A 137 30.74 9.06 13.77
CA ILE A 137 30.01 8.98 12.51
C ILE A 137 30.28 10.19 11.68
N LEU A 138 30.51 9.97 10.38
CA LEU A 138 30.68 11.03 9.41
C LEU A 138 29.38 11.09 8.59
N GLY A 139 28.52 12.04 8.95
CA GLY A 139 27.27 12.22 8.20
C GLY A 139 27.55 12.98 6.92
N LEU A 140 27.32 12.33 5.79
CA LEU A 140 27.66 12.85 4.47
C LEU A 140 26.48 13.45 3.72
N ALA A 141 25.28 13.47 4.33
CA ALA A 141 24.10 14.03 3.67
C ALA A 141 24.07 15.56 3.86
N TYR A 142 22.96 16.21 3.52
CA TYR A 142 22.90 17.65 3.45
C TYR A 142 22.50 18.36 4.73
N ALA A 143 22.80 19.68 4.76
CA ALA A 143 22.55 20.50 5.94
C ALA A 143 21.11 20.50 6.42
N GLU A 144 20.13 20.34 5.50
CA GLU A 144 18.72 20.32 5.94
C GLU A 144 18.44 19.40 7.12
N ILE A 145 19.10 18.22 7.18
CA ILE A 145 18.86 17.26 8.24
C ILE A 145 19.96 17.25 9.33
N ALA A 146 20.83 18.30 9.33
CA ALA A 146 21.84 18.43 10.39
C ALA A 146 21.15 18.80 11.69
N ARG A 147 21.71 18.34 12.80
CA ARG A 147 21.20 18.66 14.15
C ARG A 147 22.17 19.63 14.81
N PRO A 148 21.70 20.67 15.52
CA PRO A 148 20.28 20.98 15.86
C PRO A 148 19.46 21.53 14.72
N ASP A 149 20.12 22.14 13.74
CA ASP A 149 19.48 22.73 12.58
C ASP A 149 20.46 22.89 11.42
N ASP A 150 19.96 23.41 10.27
CA ASP A 150 20.74 23.52 9.06
C ASP A 150 21.85 24.60 9.09
N SER A 151 22.00 25.33 10.22
CA SER A 151 23.09 26.29 10.27
C SER A 151 24.41 25.59 10.64
N LEU A 152 24.34 24.29 11.06
CA LEU A 152 25.55 23.54 11.42
C LEU A 152 26.09 22.87 10.17
N GLU A 153 27.02 23.56 9.51
CA GLU A 153 27.58 23.11 8.25
C GLU A 153 28.14 21.67 8.34
N PRO A 154 27.65 20.74 7.49
CA PRO A 154 28.22 19.36 7.53
C PRO A 154 29.68 19.32 7.04
N PHE A 155 30.38 18.26 7.41
CA PHE A 155 31.79 18.10 7.05
C PHE A 155 32.08 18.27 5.57
N PHE A 156 31.31 17.56 4.70
CA PHE A 156 31.64 17.60 3.28
C PHE A 156 31.49 19.00 2.69
N ASP A 157 30.49 19.76 3.19
CA ASP A 157 30.29 21.17 2.77
C ASP A 157 31.52 22.01 3.18
N SER A 158 32.04 21.79 4.40
CA SER A 158 33.27 22.50 4.82
C SER A 158 34.44 22.13 3.94
N LEU A 159 34.59 20.81 3.66
CA LEU A 159 35.69 20.32 2.84
C LEU A 159 35.68 20.99 1.47
N VAL A 160 34.52 21.04 0.81
CA VAL A 160 34.43 21.65 -0.53
C VAL A 160 34.67 23.17 -0.47
N LYS A 161 34.14 23.84 0.54
CA LYS A 161 34.26 25.30 0.66
C LYS A 161 35.71 25.72 0.91
N GLN A 162 36.42 24.96 1.75
CA GLN A 162 37.78 25.35 2.15
C GLN A 162 38.92 24.86 1.25
N THR A 163 38.65 23.91 0.33
CA THR A 163 39.72 23.32 -0.50
C THR A 163 39.31 23.30 -1.96
N HIS A 164 40.12 22.70 -2.83
CA HIS A 164 39.73 22.57 -4.24
C HIS A 164 39.17 21.16 -4.51
N VAL A 165 38.78 20.44 -3.44
CA VAL A 165 38.25 19.08 -3.62
C VAL A 165 36.91 19.18 -4.38
N PRO A 166 36.74 18.48 -5.53
CA PRO A 166 35.45 18.55 -6.24
C PRO A 166 34.26 18.05 -5.40
N ASN A 167 33.07 18.61 -5.64
CA ASN A 167 31.86 18.31 -4.86
C ASN A 167 31.21 16.98 -5.27
N LEU A 168 31.91 15.90 -4.97
CA LEU A 168 31.47 14.55 -5.31
C LEU A 168 32.28 13.57 -4.48
N PHE A 169 31.67 12.44 -4.11
CA PHE A 169 32.40 11.36 -3.50
C PHE A 169 31.77 10.06 -3.98
N SER A 170 32.51 8.97 -3.89
CA SER A 170 31.96 7.71 -4.36
C SER A 170 32.31 6.62 -3.38
N LEU A 171 31.44 5.59 -3.27
CA LEU A 171 31.64 4.51 -2.32
C LEU A 171 31.56 3.14 -2.94
N GLN A 172 32.53 2.31 -2.59
CA GLN A 172 32.55 0.90 -2.96
C GLN A 172 32.60 0.16 -1.64
N LEU A 173 31.47 -0.40 -1.19
CA LEU A 173 31.44 -1.18 0.06
C LEU A 173 31.59 -2.67 -0.34
N CYS A 174 32.55 -3.37 0.23
CA CYS A 174 32.85 -4.73 -0.18
C CYS A 174 32.48 -5.75 0.85
N GLY A 175 31.39 -6.48 0.60
CA GLY A 175 30.99 -7.57 1.48
C GLY A 175 31.88 -8.76 1.14
N ALA A 176 32.34 -9.50 2.17
CA ALA A 176 33.24 -10.63 1.89
C ALA A 176 32.52 -11.83 1.26
N GLY A 177 31.24 -11.99 1.55
CA GLY A 177 30.48 -13.15 1.05
C GLY A 177 30.49 -14.30 2.05
N PHE A 178 31.17 -14.11 3.19
CA PHE A 178 31.26 -15.10 4.24
C PHE A 178 31.56 -14.35 5.54
N PRO A 179 31.39 -14.99 6.73
CA PRO A 179 31.67 -14.28 7.99
C PRO A 179 33.15 -14.02 8.18
N LEU A 180 33.46 -12.85 8.74
CA LEU A 180 34.83 -12.47 9.08
C LEU A 180 34.89 -12.42 10.59
N ASN A 181 35.90 -13.09 11.20
CA ASN A 181 36.02 -13.03 12.65
C ASN A 181 36.64 -11.68 13.05
N GLN A 182 36.76 -11.43 14.36
CA GLN A 182 37.33 -10.18 14.89
C GLN A 182 38.68 -9.83 14.27
N SER A 183 39.63 -10.78 14.22
CA SER A 183 40.93 -10.50 13.63
C SER A 183 40.89 -10.28 12.10
N GLU A 184 40.09 -11.08 11.38
CA GLU A 184 40.00 -10.96 9.92
C GLU A 184 39.37 -9.64 9.50
N VAL A 185 38.33 -9.18 10.21
CA VAL A 185 37.67 -7.94 9.82
C VAL A 185 38.62 -6.74 10.04
N LEU A 186 39.56 -6.84 10.99
CA LEU A 186 40.54 -5.77 11.20
C LEU A 186 41.64 -5.80 10.16
N ALA A 187 42.00 -7.00 9.66
CA ALA A 187 43.08 -7.14 8.70
C ALA A 187 42.60 -6.99 7.27
N SER A 188 41.29 -7.11 7.04
CA SER A 188 40.71 -7.07 5.73
C SER A 188 40.36 -5.70 5.21
N VAL A 189 40.43 -5.54 3.88
CA VAL A 189 40.00 -4.32 3.19
C VAL A 189 38.47 -4.41 2.99
N GLY A 190 37.74 -3.39 3.45
CA GLY A 190 36.29 -3.38 3.33
C GLY A 190 35.74 -2.53 2.21
N GLY A 191 36.61 -1.85 1.47
CA GLY A 191 36.11 -1.03 0.38
C GLY A 191 36.84 0.28 0.22
N SER A 192 36.24 1.20 -0.55
CA SER A 192 36.86 2.49 -0.85
C SER A 192 35.87 3.61 -0.76
N MET A 193 36.34 4.75 -0.23
CA MET A 193 35.59 6.01 -0.28
C MET A 193 36.50 6.95 -1.06
N ILE A 194 36.12 7.26 -2.29
CA ILE A 194 36.92 8.16 -3.14
C ILE A 194 36.33 9.54 -2.95
N ILE A 195 37.10 10.42 -2.32
CA ILE A 195 36.69 11.77 -2.02
C ILE A 195 37.14 12.70 -3.16
N GLY A 196 36.18 13.30 -3.84
CA GLY A 196 36.42 14.22 -4.95
C GLY A 196 36.50 13.61 -6.32
N GLY A 197 36.16 12.31 -6.46
CA GLY A 197 36.25 11.72 -7.77
C GLY A 197 35.67 10.32 -7.88
N ILE A 198 35.85 9.75 -9.06
CA ILE A 198 35.42 8.43 -9.47
C ILE A 198 36.66 7.63 -9.84
N ASP A 199 36.81 6.43 -9.27
CA ASP A 199 37.94 5.58 -9.63
C ASP A 199 37.38 4.46 -10.50
N HIS A 200 37.77 4.47 -11.80
CA HIS A 200 37.21 3.55 -12.78
C HIS A 200 37.61 2.07 -12.58
N SER A 201 38.59 1.77 -11.70
CA SER A 201 38.96 0.38 -11.41
C SER A 201 37.93 -0.32 -10.48
N LEU A 202 37.05 0.47 -9.84
CA LEU A 202 36.14 -0.08 -8.82
C LEU A 202 34.82 -0.63 -9.36
N TYR A 203 34.59 -0.49 -10.65
CA TYR A 203 33.35 -0.99 -11.24
C TYR A 203 33.57 -1.60 -12.60
N THR A 204 32.56 -2.34 -13.06
CA THR A 204 32.56 -2.90 -14.42
C THR A 204 31.32 -2.36 -15.13
N GLY A 205 31.35 -2.36 -16.46
CA GLY A 205 30.22 -1.85 -17.22
C GLY A 205 30.10 -0.34 -17.14
N SER A 206 28.90 0.18 -17.36
CA SER A 206 28.65 1.61 -17.36
C SER A 206 28.03 2.14 -16.08
N LEU A 207 28.25 3.43 -15.81
CA LEU A 207 27.57 4.12 -14.72
C LEU A 207 26.27 4.66 -15.26
N TRP A 208 25.18 4.44 -14.52
CA TRP A 208 23.87 5.01 -14.82
C TRP A 208 23.48 5.93 -13.69
N TYR A 209 22.90 7.09 -14.03
CA TYR A 209 22.58 8.09 -13.02
C TYR A 209 21.12 8.32 -12.81
N THR A 210 20.75 8.49 -11.53
CA THR A 210 19.39 8.82 -11.13
C THR A 210 19.44 10.20 -10.49
N PRO A 211 18.45 11.09 -10.71
CA PRO A 211 18.50 12.40 -10.04
C PRO A 211 18.36 12.29 -8.53
N ILE A 212 19.00 13.23 -7.80
CA ILE A 212 18.77 13.40 -6.36
C ILE A 212 17.51 14.25 -6.38
N ARG A 213 16.41 13.72 -5.86
CA ARG A 213 15.12 14.40 -5.94
C ARG A 213 15.12 15.74 -5.19
N ARG A 214 15.74 15.73 -4.02
CA ARG A 214 15.84 16.87 -3.12
C ARG A 214 17.07 16.63 -2.24
N GLU A 215 17.77 17.71 -1.92
CA GLU A 215 18.97 17.65 -1.14
C GLU A 215 18.71 17.75 0.35
N TRP A 216 18.46 16.61 0.99
CA TRP A 216 18.29 16.52 2.44
C TRP A 216 18.97 15.19 2.79
N TYR A 217 18.25 14.09 2.69
CA TYR A 217 18.84 12.76 2.57
C TYR A 217 19.26 12.69 1.10
N TYR A 218 19.93 11.57 0.69
CA TYR A 218 20.17 11.34 -0.73
C TYR A 218 18.93 10.64 -1.25
N GLU A 219 17.90 11.44 -1.57
CA GLU A 219 16.57 10.95 -1.97
C GLU A 219 16.54 10.64 -3.46
N VAL A 220 15.94 9.47 -3.81
CA VAL A 220 15.81 9.04 -5.19
C VAL A 220 14.37 8.59 -5.40
N ILE A 221 14.05 8.26 -6.67
CA ILE A 221 12.71 7.76 -7.01
C ILE A 221 12.81 6.40 -7.70
N ILE A 222 12.16 5.37 -7.09
CA ILE A 222 12.04 4.01 -7.66
C ILE A 222 10.74 4.00 -8.49
N VAL A 223 10.81 3.50 -9.72
CA VAL A 223 9.64 3.54 -10.62
C VAL A 223 9.05 2.16 -10.95
N ARG A 224 9.76 1.08 -10.60
CA ARG A 224 9.28 -0.28 -10.87
C ARG A 224 10.12 -1.23 -10.01
N VAL A 225 9.50 -2.33 -9.57
CA VAL A 225 10.21 -3.37 -8.82
C VAL A 225 9.86 -4.70 -9.45
N GLU A 226 10.88 -5.55 -9.68
CA GLU A 226 10.69 -6.92 -10.19
C GLU A 226 11.36 -7.90 -9.26
N ILE A 227 10.77 -9.10 -9.15
CA ILE A 227 11.37 -10.24 -8.43
C ILE A 227 11.53 -11.31 -9.50
N ASN A 228 12.78 -11.66 -9.88
CA ASN A 228 13.00 -12.61 -10.97
C ASN A 228 12.21 -12.22 -12.25
N GLY A 229 12.23 -10.93 -12.56
CA GLY A 229 11.60 -10.40 -13.78
C GLY A 229 10.09 -10.22 -13.67
N GLN A 230 9.48 -10.68 -12.54
CA GLN A 230 8.02 -10.54 -12.37
C GLN A 230 7.74 -9.21 -11.71
N ASP A 231 6.92 -8.39 -12.35
CA ASP A 231 6.58 -7.07 -11.83
C ASP A 231 5.81 -7.18 -10.53
N LEU A 232 6.25 -6.45 -9.49
CA LEU A 232 5.53 -6.46 -8.21
C LEU A 232 4.17 -5.76 -8.38
N LYS A 233 4.05 -4.94 -9.44
CA LYS A 233 2.80 -4.34 -9.91
C LYS A 233 2.06 -3.47 -8.89
N MET A 234 2.79 -2.77 -8.06
CA MET A 234 2.15 -1.83 -7.14
C MET A 234 2.15 -0.45 -7.77
N ASP A 235 1.29 0.46 -7.29
CA ASP A 235 1.32 1.86 -7.73
C ASP A 235 2.73 2.33 -7.33
N CYS A 236 3.50 2.92 -8.26
CA CYS A 236 4.90 3.28 -7.97
C CYS A 236 5.05 4.27 -6.80
N LYS A 237 3.98 5.04 -6.45
CA LYS A 237 4.06 5.90 -5.26
C LYS A 237 4.35 5.06 -4.00
N GLU A 238 3.85 3.80 -3.95
CA GLU A 238 4.07 2.94 -2.80
C GLU A 238 5.56 2.66 -2.57
N TYR A 239 6.36 2.61 -3.65
CA TYR A 239 7.77 2.29 -3.52
C TYR A 239 8.56 3.40 -2.86
N ASN A 240 8.02 4.63 -2.90
CA ASN A 240 8.69 5.82 -2.37
C ASN A 240 7.88 6.46 -1.27
N TYR A 241 7.07 5.66 -0.55
CA TYR A 241 6.23 6.22 0.50
C TYR A 241 6.94 6.03 1.86
N ASP A 242 7.37 7.12 2.58
CA ASP A 242 7.23 8.52 2.20
C ASP A 242 8.46 9.14 1.53
N LYS A 243 9.54 8.33 1.35
CA LYS A 243 10.73 8.73 0.59
C LYS A 243 11.49 7.46 0.28
N SER A 244 12.44 7.55 -0.64
CA SER A 244 13.40 6.47 -0.89
C SER A 244 14.78 7.10 -0.80
N ILE A 245 15.68 6.48 -0.02
CA ILE A 245 17.02 7.08 0.16
C ILE A 245 18.12 6.04 -0.01
N VAL A 246 19.35 6.53 -0.26
CA VAL A 246 20.55 5.70 -0.32
C VAL A 246 21.29 5.95 0.97
N ASP A 247 21.42 4.92 1.84
CA ASP A 247 21.94 5.11 3.18
C ASP A 247 22.98 4.09 3.60
N SER A 248 24.28 4.47 3.54
CA SER A 248 25.35 3.57 3.97
C SER A 248 25.34 3.29 5.49
N GLY A 249 24.53 4.08 6.24
CA GLY A 249 24.42 3.92 7.68
C GLY A 249 23.28 3.03 8.15
N THR A 250 22.71 2.21 7.23
CA THR A 250 21.67 1.21 7.51
C THR A 250 22.20 -0.10 6.93
N THR A 251 22.00 -1.22 7.64
CA THR A 251 22.45 -2.51 7.09
C THR A 251 21.57 -2.98 5.95
N ASN A 252 20.26 -3.07 6.21
CA ASN A 252 19.37 -3.74 5.26
C ASN A 252 18.84 -2.93 4.11
N LEU A 253 18.20 -3.65 3.15
CA LEU A 253 17.31 -3.04 2.22
C LEU A 253 15.99 -2.92 3.03
N ARG A 254 15.54 -1.70 3.30
CA ARG A 254 14.30 -1.53 4.06
C ARG A 254 13.20 -1.06 3.13
N LEU A 255 11.99 -1.67 3.23
CA LEU A 255 10.91 -1.33 2.32
C LEU A 255 9.67 -0.89 3.08
N PRO A 256 8.89 0.05 2.52
CA PRO A 256 7.62 0.43 3.17
C PRO A 256 6.77 -0.80 3.43
N LYS A 257 6.02 -0.80 4.56
CA LYS A 257 5.21 -1.94 4.99
C LYS A 257 4.52 -2.69 3.84
N LYS A 258 3.70 -2.00 3.03
CA LYS A 258 2.96 -2.72 1.99
C LYS A 258 3.86 -3.34 0.93
N VAL A 259 4.95 -2.63 0.58
CA VAL A 259 5.93 -3.12 -0.39
C VAL A 259 6.67 -4.32 0.19
N PHE A 260 7.08 -4.23 1.47
CA PHE A 260 7.72 -5.34 2.14
C PHE A 260 6.81 -6.58 2.10
N GLU A 261 5.51 -6.43 2.43
CA GLU A 261 4.57 -7.56 2.44
C GLU A 261 4.48 -8.19 1.04
N ALA A 262 4.35 -7.36 -0.01
CA ALA A 262 4.25 -7.90 -1.38
C ALA A 262 5.57 -8.57 -1.83
N ALA A 263 6.72 -7.93 -1.49
CA ALA A 263 8.02 -8.46 -1.89
C ALA A 263 8.28 -9.78 -1.20
N VAL A 264 8.01 -9.87 0.12
CA VAL A 264 8.26 -11.13 0.83
C VAL A 264 7.35 -12.26 0.27
N LYS A 265 6.10 -11.92 -0.07
CA LYS A 265 5.20 -12.93 -0.64
C LYS A 265 5.81 -13.45 -1.94
N SER A 266 6.32 -12.54 -2.78
CA SER A 266 6.91 -12.93 -4.06
C SER A 266 8.23 -13.70 -3.89
N ILE A 267 9.09 -13.27 -2.93
CA ILE A 267 10.35 -13.98 -2.69
C ILE A 267 10.09 -15.38 -2.14
N LYS A 268 9.08 -15.50 -1.25
CA LYS A 268 8.69 -16.83 -0.74
C LYS A 268 8.19 -17.70 -1.90
N ALA A 269 7.37 -17.15 -2.82
CA ALA A 269 6.85 -17.94 -3.94
C ALA A 269 7.99 -18.41 -4.86
N ALA A 270 8.99 -17.53 -5.10
CA ALA A 270 10.09 -17.92 -5.98
C ALA A 270 10.99 -18.98 -5.36
N SER A 271 11.13 -18.95 -4.03
CA SER A 271 12.00 -19.88 -3.30
C SER A 271 11.21 -21.05 -2.66
N SER A 272 9.97 -21.29 -3.12
CA SER A 272 9.02 -22.23 -2.50
C SER A 272 9.46 -23.67 -2.45
N THR A 273 10.51 -24.06 -3.20
CA THR A 273 11.01 -25.45 -3.08
C THR A 273 11.62 -25.73 -1.69
N GLU A 274 11.92 -24.69 -0.89
CA GLU A 274 12.39 -24.86 0.50
C GLU A 274 11.52 -23.93 1.35
N LYS A 275 11.02 -24.44 2.49
CA LYS A 275 10.20 -23.65 3.41
C LYS A 275 11.13 -23.13 4.50
N PHE A 276 11.04 -21.82 4.81
CA PHE A 276 11.85 -21.22 5.85
C PHE A 276 10.93 -20.77 6.95
N PRO A 277 11.38 -20.84 8.20
CA PRO A 277 10.51 -20.40 9.32
C PRO A 277 10.18 -18.91 9.28
N ASP A 278 9.07 -18.52 9.91
CA ASP A 278 8.66 -17.13 9.94
C ASP A 278 9.77 -16.19 10.47
N GLY A 279 10.53 -16.66 11.46
CA GLY A 279 11.62 -15.91 12.06
C GLY A 279 12.70 -15.53 11.06
N PHE A 280 12.88 -16.37 10.02
CA PHE A 280 13.89 -16.06 8.99
C PHE A 280 13.43 -14.84 8.19
N TRP A 281 12.17 -14.85 7.74
CA TRP A 281 11.61 -13.76 6.94
C TRP A 281 11.49 -12.46 7.72
N LEU A 282 11.49 -12.54 9.08
CA LEU A 282 11.46 -11.38 9.98
C LEU A 282 12.87 -10.83 10.24
N GLY A 283 13.89 -11.46 9.65
CA GLY A 283 15.28 -11.05 9.77
C GLY A 283 15.92 -11.30 11.11
N GLU A 284 15.25 -12.11 11.95
CA GLU A 284 15.65 -12.46 13.32
C GLU A 284 16.45 -13.74 13.43
N GLN A 285 16.08 -14.76 12.64
CA GLN A 285 16.64 -16.09 12.72
C GLN A 285 17.57 -16.39 11.57
N LEU A 286 18.65 -17.09 11.85
CA LEU A 286 19.54 -17.47 10.75
C LEU A 286 19.05 -18.75 10.10
N VAL A 287 19.45 -18.95 8.85
CA VAL A 287 19.23 -20.20 8.10
C VAL A 287 20.62 -20.75 7.77
N CYS A 288 20.82 -22.07 7.88
CA CYS A 288 22.12 -22.68 7.65
C CYS A 288 22.04 -23.79 6.65
N TRP A 289 23.13 -23.96 5.88
CA TRP A 289 23.29 -25.08 4.97
C TRP A 289 24.67 -25.70 5.16
N GLN A 290 24.78 -26.96 4.79
CA GLN A 290 26.07 -27.63 4.84
C GLN A 290 27.07 -26.80 4.01
N ALA A 291 28.32 -26.74 4.48
CA ALA A 291 29.40 -25.99 3.82
C ALA A 291 29.38 -26.09 2.30
N GLY A 292 29.28 -24.95 1.65
CA GLY A 292 29.33 -24.83 0.20
C GLY A 292 28.05 -25.14 -0.54
N THR A 293 26.99 -25.54 0.17
CA THR A 293 25.75 -25.96 -0.50
C THR A 293 24.61 -24.94 -0.51
N THR A 294 24.88 -23.68 -0.11
CA THR A 294 23.82 -22.66 -0.13
C THR A 294 23.14 -22.68 -1.51
N PRO A 295 21.81 -22.86 -1.54
CA PRO A 295 21.12 -22.99 -2.83
C PRO A 295 20.75 -21.62 -3.39
N TRP A 296 21.78 -20.86 -3.76
CA TRP A 296 21.54 -19.50 -4.28
C TRP A 296 20.48 -19.49 -5.38
N ASN A 297 20.51 -20.51 -6.26
CA ASN A 297 19.65 -20.54 -7.43
C ASN A 297 18.17 -20.57 -7.11
N ILE A 298 17.78 -21.01 -5.90
CA ILE A 298 16.34 -21.04 -5.59
C ILE A 298 15.79 -19.66 -5.21
N PHE A 299 16.69 -18.73 -4.87
CA PHE A 299 16.30 -17.38 -4.48
C PHE A 299 16.34 -16.49 -5.70
N PRO A 300 15.37 -15.56 -5.79
CA PRO A 300 15.28 -14.72 -6.98
C PRO A 300 16.20 -13.52 -6.94
N VAL A 301 16.44 -12.96 -8.11
CA VAL A 301 17.10 -11.66 -8.18
C VAL A 301 16.02 -10.57 -7.95
N ILE A 302 16.46 -9.39 -7.51
CA ILE A 302 15.54 -8.28 -7.28
C ILE A 302 16.02 -7.11 -8.10
N SER A 303 15.12 -6.53 -8.91
CA SER A 303 15.49 -5.38 -9.71
C SER A 303 14.71 -4.18 -9.26
N LEU A 304 15.42 -3.08 -9.01
CA LEU A 304 14.82 -1.79 -8.68
C LEU A 304 15.09 -0.88 -9.87
N TYR A 305 14.01 -0.37 -10.48
CA TYR A 305 14.15 0.56 -11.59
C TYR A 305 14.14 1.97 -11.02
N LEU A 306 15.11 2.79 -11.45
CA LEU A 306 15.26 4.14 -10.94
C LEU A 306 15.03 5.15 -12.06
N MET A 307 14.51 6.34 -11.68
CA MET A 307 14.29 7.39 -12.65
C MET A 307 15.65 7.77 -13.29
N GLY A 308 15.67 7.93 -14.61
CA GLY A 308 16.90 8.29 -15.30
C GLY A 308 17.03 9.80 -15.42
N GLU A 309 18.13 10.23 -16.03
CA GLU A 309 18.37 11.67 -16.20
C GLU A 309 17.65 12.23 -17.42
N VAL A 310 17.31 11.36 -18.39
CA VAL A 310 16.61 11.75 -19.63
C VAL A 310 15.11 11.61 -19.39
N THR A 311 14.29 12.53 -19.95
CA THR A 311 12.84 12.49 -19.79
C THR A 311 12.31 11.14 -20.28
N ASN A 312 11.40 10.54 -19.49
CA ASN A 312 10.75 9.26 -19.80
C ASN A 312 11.70 8.08 -19.92
N GLN A 313 12.87 8.17 -19.29
CA GLN A 313 13.84 7.10 -19.32
C GLN A 313 14.13 6.62 -17.90
N SER A 314 14.26 5.31 -17.73
CA SER A 314 14.68 4.75 -16.44
C SER A 314 15.80 3.73 -16.69
N PHE A 315 16.36 3.19 -15.62
CA PHE A 315 17.34 2.11 -15.74
C PHE A 315 17.08 1.21 -14.54
N ARG A 316 17.69 0.03 -14.53
CA ARG A 316 17.48 -0.87 -13.38
C ARG A 316 18.79 -1.31 -12.78
N ILE A 317 18.75 -1.58 -11.47
CA ILE A 317 19.86 -2.21 -10.75
C ILE A 317 19.31 -3.56 -10.27
N THR A 318 20.09 -4.63 -10.46
CA THR A 318 19.64 -5.96 -10.10
C THR A 318 20.57 -6.54 -9.07
N ILE A 319 19.98 -7.00 -7.95
CA ILE A 319 20.77 -7.61 -6.89
C ILE A 319 20.46 -9.07 -6.77
N LEU A 320 21.44 -9.78 -6.25
CA LEU A 320 21.34 -11.20 -6.09
C LEU A 320 21.04 -11.55 -4.64
N PRO A 321 20.63 -12.82 -4.36
CA PRO A 321 20.54 -13.24 -2.95
C PRO A 321 21.91 -13.11 -2.24
N GLN A 322 23.04 -13.14 -3.01
CA GLN A 322 24.35 -12.95 -2.35
C GLN A 322 24.47 -11.54 -1.73
N GLN A 323 23.61 -10.59 -2.16
CA GLN A 323 23.54 -9.29 -1.50
C GLN A 323 22.50 -9.31 -0.37
N TYR A 324 21.26 -9.82 -0.62
CA TYR A 324 20.23 -9.66 0.40
C TYR A 324 20.19 -10.76 1.45
N LEU A 325 21.08 -11.77 1.37
CA LEU A 325 21.29 -12.77 2.43
C LEU A 325 22.65 -12.43 3.05
N ARG A 326 22.63 -11.99 4.32
CA ARG A 326 23.83 -11.52 5.01
C ARG A 326 24.53 -12.69 5.70
N PRO A 327 25.79 -12.96 5.36
CA PRO A 327 26.52 -14.06 6.02
C PRO A 327 26.76 -13.79 7.49
N VAL A 328 26.48 -14.82 8.31
CA VAL A 328 26.64 -14.75 9.77
C VAL A 328 27.22 -16.06 10.27
N GLU A 329 27.94 -16.04 11.38
CA GLU A 329 28.45 -17.27 11.98
C GLU A 329 27.32 -17.94 12.77
N ASP A 330 27.31 -19.27 12.77
CA ASP A 330 26.29 -20.09 13.46
C ASP A 330 26.25 -19.83 14.96
N SER A 334 30.09 -24.72 14.11
CA SER A 334 29.84 -25.57 12.95
C SER A 334 30.60 -25.07 11.73
N GLN A 335 30.65 -25.90 10.67
CA GLN A 335 31.23 -25.54 9.39
C GLN A 335 30.13 -25.16 8.41
N ASP A 336 28.90 -25.01 8.88
CA ASP A 336 27.80 -24.63 8.00
C ASP A 336 27.94 -23.18 7.54
N ASP A 337 27.34 -22.89 6.37
CA ASP A 337 27.27 -21.52 5.82
C ASP A 337 25.87 -21.02 6.18
N CYS A 338 25.83 -19.95 6.98
CA CYS A 338 24.62 -19.38 7.58
C CYS A 338 24.39 -17.95 7.17
N TYR A 339 23.13 -17.57 7.13
CA TYR A 339 22.75 -16.22 6.69
C TYR A 339 21.55 -15.70 7.40
N LYS A 340 21.42 -14.37 7.41
CA LYS A 340 20.19 -13.71 7.86
C LYS A 340 19.59 -13.00 6.65
N PHE A 341 18.24 -12.93 6.59
CA PHE A 341 17.52 -12.22 5.54
C PHE A 341 17.65 -10.73 5.83
N ALA A 342 18.26 -9.99 4.89
CA ALA A 342 18.60 -8.59 5.08
C ALA A 342 17.67 -7.64 4.36
N ILE A 343 16.37 -8.00 4.30
CA ILE A 343 15.32 -7.13 3.79
C ILE A 343 14.33 -7.01 4.92
N SER A 344 13.98 -5.76 5.28
CA SER A 344 13.08 -5.58 6.41
C SER A 344 12.10 -4.45 6.20
N GLN A 345 11.07 -4.40 7.04
CA GLN A 345 10.01 -3.43 6.91
C GLN A 345 10.41 -2.07 7.48
N SER A 346 9.88 -1.02 6.87
CA SER A 346 10.10 0.37 7.27
C SER A 346 8.77 1.12 7.36
N SER A 347 8.72 2.15 8.23
CA SER A 347 7.56 3.06 8.29
C SER A 347 8.02 4.46 7.87
N THR A 348 9.28 4.59 7.39
CA THR A 348 9.89 5.85 6.96
C THR A 348 10.42 5.80 5.53
N GLY A 349 9.85 4.90 4.72
CA GLY A 349 10.22 4.82 3.31
C GLY A 349 11.24 3.75 3.00
N THR A 350 11.62 3.70 1.73
CA THR A 350 12.62 2.72 1.29
C THR A 350 14.00 3.19 1.70
N VAL A 351 14.83 2.26 2.16
CA VAL A 351 16.23 2.57 2.48
C VAL A 351 17.10 1.56 1.74
N MET A 352 17.94 2.07 0.81
CA MET A 352 18.90 1.21 0.13
C MET A 352 20.15 1.22 1.01
N GLY A 353 20.22 0.25 1.92
CA GLY A 353 21.30 0.14 2.90
C GLY A 353 22.56 -0.52 2.37
N ALA A 354 23.46 -0.83 3.30
CA ALA A 354 24.77 -1.41 2.98
C ALA A 354 24.68 -2.69 2.16
N VAL A 355 23.69 -3.59 2.44
CA VAL A 355 23.65 -4.84 1.69
C VAL A 355 23.38 -4.60 0.21
N ILE A 356 22.63 -3.52 -0.14
CA ILE A 356 22.38 -3.16 -1.54
C ILE A 356 23.62 -2.49 -2.10
N MET A 357 24.18 -1.55 -1.31
CA MET A 357 25.39 -0.85 -1.75
C MET A 357 26.55 -1.79 -2.02
N GLU A 358 26.60 -2.95 -1.35
CA GLU A 358 27.67 -3.92 -1.59
C GLU A 358 27.66 -4.47 -3.02
N GLY A 359 26.54 -4.38 -3.72
CA GLY A 359 26.50 -4.86 -5.10
C GLY A 359 27.04 -3.85 -6.10
N PHE A 360 27.16 -2.55 -5.67
CA PHE A 360 27.40 -1.49 -6.63
C PHE A 360 28.46 -0.52 -6.20
N TYR A 361 29.06 0.15 -7.19
CA TYR A 361 29.88 1.31 -6.93
C TYR A 361 28.87 2.45 -7.06
N VAL A 362 28.79 3.28 -6.01
CA VAL A 362 27.78 4.34 -5.92
C VAL A 362 28.46 5.71 -5.90
N VAL A 363 28.09 6.56 -6.87
CA VAL A 363 28.72 7.87 -7.02
C VAL A 363 27.74 8.91 -6.54
N PHE A 364 28.13 9.65 -5.50
CA PHE A 364 27.28 10.70 -4.94
C PHE A 364 27.75 12.02 -5.57
N ASP A 365 27.18 12.31 -6.75
CA ASP A 365 27.59 13.46 -7.56
C ASP A 365 26.75 14.66 -7.13
N ARG A 366 27.18 15.27 -6.02
CA ARG A 366 26.48 16.41 -5.45
C ARG A 366 26.52 17.60 -6.40
N ALA A 367 27.64 17.78 -7.13
CA ALA A 367 27.76 18.90 -8.08
C ALA A 367 26.68 18.88 -9.16
N ARG A 368 26.31 17.68 -9.63
CA ARG A 368 25.32 17.51 -10.69
C ARG A 368 23.99 16.97 -10.17
N LYS A 369 23.79 16.96 -8.82
CA LYS A 369 22.53 16.56 -8.16
C LYS A 369 22.07 15.19 -8.71
N ARG A 370 22.97 14.20 -8.66
CA ARG A 370 22.62 12.88 -9.18
C ARG A 370 23.42 11.81 -8.47
N ILE A 371 22.91 10.58 -8.52
CA ILE A 371 23.59 9.43 -7.91
C ILE A 371 23.81 8.41 -9.02
N GLY A 372 25.04 7.94 -9.15
CA GLY A 372 25.38 6.96 -10.17
C GLY A 372 25.54 5.58 -9.58
N PHE A 373 25.18 4.56 -10.38
CA PHE A 373 25.34 3.17 -9.98
C PHE A 373 26.03 2.43 -11.10
N ALA A 374 26.96 1.57 -10.73
CA ALA A 374 27.59 0.64 -11.64
C ALA A 374 27.80 -0.66 -10.87
N VAL A 375 27.91 -1.79 -11.60
CA VAL A 375 28.21 -3.05 -10.92
C VAL A 375 29.58 -2.95 -10.23
N SER A 376 29.65 -3.33 -8.96
CA SER A 376 30.90 -3.28 -8.22
C SER A 376 31.87 -4.35 -8.63
N ALA A 377 33.16 -3.97 -8.73
CA ALA A 377 34.21 -4.94 -9.01
C ALA A 377 34.36 -5.94 -7.83
N CYS A 378 33.82 -5.63 -6.62
CA CYS A 378 33.93 -6.53 -5.48
C CYS A 378 32.57 -7.16 -5.09
N HIS A 379 31.55 -7.11 -5.98
CA HIS A 379 30.30 -7.74 -5.54
C HIS A 379 30.43 -9.27 -5.52
N VAL A 380 29.70 -9.88 -4.58
CA VAL A 380 29.66 -11.32 -4.41
C VAL A 380 28.64 -11.92 -5.40
N HIS A 381 29.05 -12.97 -6.13
CA HIS A 381 28.13 -13.60 -7.08
C HIS A 381 28.50 -15.06 -7.22
N ASP A 382 27.88 -15.73 -8.18
CA ASP A 382 28.23 -17.12 -8.47
C ASP A 382 28.55 -17.26 -9.95
N GLU A 383 28.78 -18.48 -10.44
CA GLU A 383 29.13 -18.65 -11.85
C GLU A 383 27.97 -18.46 -12.81
N PHE A 384 26.74 -18.40 -12.29
CA PHE A 384 25.55 -18.36 -13.15
C PHE A 384 24.89 -17.01 -13.25
N ARG A 385 25.02 -16.17 -12.20
CA ARG A 385 24.36 -14.86 -12.17
C ARG A 385 25.29 -13.82 -11.59
N THR A 386 25.11 -12.58 -12.06
CA THR A 386 25.86 -11.44 -11.56
CA THR A 386 25.86 -11.43 -11.53
C THR A 386 24.89 -10.30 -11.26
N ALA A 387 25.32 -9.34 -10.42
CA ALA A 387 24.50 -8.14 -10.23
C ALA A 387 24.56 -7.38 -11.59
N ALA A 388 23.63 -6.44 -11.81
CA ALA A 388 23.59 -5.71 -13.07
C ALA A 388 23.11 -4.31 -12.90
N VAL A 389 23.51 -3.42 -13.83
CA VAL A 389 22.99 -2.05 -13.95
C VAL A 389 22.76 -1.90 -15.45
N GLU A 390 21.49 -1.76 -15.84
CA GLU A 390 21.13 -1.84 -17.27
C GLU A 390 20.10 -0.81 -17.64
N GLY A 391 20.14 -0.38 -18.90
CA GLY A 391 19.14 0.56 -19.38
C GLY A 391 19.41 0.87 -20.84
N PRO A 392 18.61 1.77 -21.43
CA PRO A 392 17.48 2.47 -20.84
C PRO A 392 16.16 1.75 -21.07
N PHE A 393 15.14 2.12 -20.29
CA PHE A 393 13.78 1.63 -20.45
C PHE A 393 12.90 2.86 -20.59
N VAL A 394 11.85 2.74 -21.40
CA VAL A 394 10.91 3.86 -21.55
C VAL A 394 9.93 3.80 -20.39
N THR A 395 9.87 4.86 -19.55
CA THR A 395 8.97 4.88 -18.41
C THR A 395 8.25 6.21 -18.35
N LEU A 396 6.92 6.21 -18.37
CA LEU A 396 6.16 7.45 -18.36
C LEU A 396 5.74 7.88 -16.96
N ASP A 397 5.44 9.19 -16.80
CA ASP A 397 4.92 9.78 -15.57
C ASP A 397 5.72 9.42 -14.30
N MET A 398 7.05 9.44 -14.41
CA MET A 398 7.93 9.08 -13.30
C MET A 398 7.85 10.04 -12.11
N GLU A 399 7.52 11.32 -12.37
CA GLU A 399 7.38 12.31 -11.31
C GLU A 399 6.24 11.94 -10.37
N ASP A 400 5.18 11.24 -10.91
CA ASP A 400 4.05 10.74 -10.15
C ASP A 400 4.44 9.66 -9.15
N CYS A 401 5.63 9.06 -9.32
CA CYS A 401 6.10 8.03 -8.38
C CYS A 401 6.59 8.64 -7.06
N GLY A 402 6.93 9.92 -7.10
CA GLY A 402 7.40 10.64 -5.92
C GLY A 402 6.26 10.94 -4.98
N TYR A 403 6.49 10.79 -3.67
CA TYR A 403 5.45 11.07 -2.69
C TYR A 403 5.53 12.52 -2.22
N ASN A 404 4.35 13.16 -2.06
CA ASN A 404 4.24 14.56 -1.57
C ASN A 404 3.38 14.60 -0.31
N ILE A 405 3.75 15.46 0.65
CA ILE A 405 3.08 15.70 1.95
C ILE A 405 3.31 14.52 2.88
N GLY B 16 -45.03 -10.08 7.44
CA GLY B 16 -44.99 -8.86 6.65
C GLY B 16 -44.53 -7.61 7.38
N SER B 17 -44.14 -7.78 8.65
CA SER B 17 -43.66 -6.74 9.56
C SER B 17 -42.53 -7.34 10.41
N PHE B 18 -41.34 -6.75 10.35
CA PHE B 18 -40.14 -7.22 11.06
C PHE B 18 -39.51 -6.06 11.80
N VAL B 19 -40.27 -5.48 12.77
CA VAL B 19 -39.87 -4.27 13.54
C VAL B 19 -38.48 -4.36 14.15
N GLU B 20 -38.10 -5.53 14.66
CA GLU B 20 -36.78 -5.74 15.27
C GLU B 20 -35.62 -5.44 14.30
N MET B 21 -35.88 -5.62 12.99
CA MET B 21 -34.82 -5.43 12.00
C MET B 21 -34.91 -4.12 11.22
N VAL B 22 -36.05 -3.44 11.24
CA VAL B 22 -36.17 -2.16 10.54
C VAL B 22 -35.18 -1.16 11.17
N ASP B 23 -34.50 -0.36 10.32
CA ASP B 23 -33.55 0.66 10.74
C ASP B 23 -32.27 0.09 11.35
N ASN B 24 -31.88 -1.15 10.94
CA ASN B 24 -30.67 -1.75 11.50
C ASN B 24 -29.39 -1.44 10.71
N LEU B 25 -29.49 -0.63 9.61
CA LEU B 25 -28.30 -0.26 8.87
C LEU B 25 -27.91 1.18 9.12
N ARG B 26 -26.62 1.44 8.91
CA ARG B 26 -26.05 2.80 8.93
C ARG B 26 -25.10 2.90 7.76
N GLY B 27 -24.75 4.12 7.38
CA GLY B 27 -23.78 4.35 6.33
C GLY B 27 -24.33 5.19 5.21
N LYS B 28 -23.62 5.14 4.08
CA LYS B 28 -24.00 5.97 2.92
C LYS B 28 -23.32 5.41 1.69
N SER B 29 -23.75 5.84 0.50
CA SER B 29 -23.22 5.25 -0.72
C SER B 29 -21.71 5.43 -0.93
N GLY B 30 -21.12 6.52 -0.41
CA GLY B 30 -19.69 6.72 -0.63
C GLY B 30 -18.80 5.72 0.09
N GLN B 31 -19.24 5.27 1.29
CA GLN B 31 -18.40 4.41 2.16
C GLN B 31 -19.00 3.05 2.49
N GLY B 32 -20.26 2.83 2.17
CA GLY B 32 -20.92 1.56 2.41
C GLY B 32 -21.95 1.56 3.51
N TYR B 33 -22.87 0.61 3.43
CA TYR B 33 -23.91 0.37 4.42
C TYR B 33 -23.54 -0.83 5.26
N TYR B 34 -23.64 -0.70 6.57
CA TYR B 34 -23.19 -1.75 7.46
C TYR B 34 -24.23 -2.08 8.53
N VAL B 35 -24.10 -3.29 9.08
CA VAL B 35 -24.95 -3.83 10.13
C VAL B 35 -24.04 -4.24 11.31
N GLU B 36 -24.58 -4.13 12.54
CA GLU B 36 -23.80 -4.58 13.69
C GLU B 36 -23.85 -6.10 13.77
N MET B 37 -22.70 -6.72 14.07
CA MET B 37 -22.68 -8.17 14.30
C MET B 37 -21.82 -8.42 15.55
N THR B 38 -21.91 -9.64 16.08
CA THR B 38 -20.98 -10.03 17.16
C THR B 38 -20.32 -11.31 16.77
N VAL B 39 -19.06 -11.45 17.13
CA VAL B 39 -18.29 -12.66 16.85
C VAL B 39 -17.63 -13.12 18.16
N GLY B 40 -17.60 -14.43 18.39
CA GLY B 40 -16.86 -14.98 19.53
C GLY B 40 -17.59 -15.03 20.84
N SER B 41 -16.88 -15.63 21.85
CA SER B 41 -17.40 -15.82 23.22
C SER B 41 -16.33 -15.36 24.21
N PRO B 42 -16.56 -14.27 24.96
CA PRO B 42 -17.76 -13.42 24.96
C PRO B 42 -17.88 -12.65 23.63
N PRO B 43 -19.09 -12.17 23.30
CA PRO B 43 -19.27 -11.51 21.99
C PRO B 43 -18.45 -10.26 21.81
N GLN B 44 -17.80 -10.14 20.63
CA GLN B 44 -17.03 -8.98 20.24
C GLN B 44 -17.86 -8.27 19.16
N THR B 45 -18.29 -7.04 19.45
CA THR B 45 -19.12 -6.28 18.52
C THR B 45 -18.27 -5.67 17.41
N LEU B 46 -18.75 -5.80 16.15
CA LEU B 46 -18.09 -5.20 15.01
C LEU B 46 -19.17 -4.67 14.08
N ASN B 47 -18.83 -3.63 13.32
CA ASN B 47 -19.73 -3.13 12.26
C ASN B 47 -19.27 -3.78 10.96
N ILE B 48 -20.22 -4.33 10.20
CA ILE B 48 -19.86 -5.11 9.01
C ILE B 48 -20.60 -4.65 7.75
N LEU B 49 -19.84 -4.40 6.68
CA LEU B 49 -20.40 -3.99 5.40
C LEU B 49 -21.33 -5.08 4.84
N VAL B 50 -22.56 -4.67 4.41
CA VAL B 50 -23.49 -5.60 3.78
C VAL B 50 -23.09 -5.62 2.30
N ASP B 51 -22.58 -6.79 1.82
CA ASP B 51 -22.05 -6.89 0.46
C ASP B 51 -22.67 -8.05 -0.34
N THR B 52 -23.61 -7.74 -1.24
CA THR B 52 -24.22 -8.78 -2.04
C THR B 52 -23.34 -9.18 -3.23
N GLY B 53 -22.16 -8.58 -3.36
CA GLY B 53 -21.24 -8.85 -4.46
C GLY B 53 -20.05 -9.74 -4.13
N SER B 54 -20.06 -10.38 -2.93
CA SER B 54 -18.98 -11.30 -2.55
C SER B 54 -19.58 -12.33 -1.62
N SER B 55 -18.80 -13.36 -1.26
CA SER B 55 -19.36 -14.47 -0.47
C SER B 55 -18.53 -14.88 0.72
N ASN B 56 -17.56 -14.08 1.14
CA ASN B 56 -16.77 -14.34 2.36
C ASN B 56 -17.20 -13.41 3.50
N PHE B 57 -17.17 -13.97 4.72
CA PHE B 57 -17.32 -13.17 5.92
C PHE B 57 -15.87 -12.92 6.36
N ALA B 58 -15.39 -11.69 6.13
CA ALA B 58 -13.99 -11.35 6.32
C ALA B 58 -13.90 -10.16 7.23
N VAL B 59 -13.18 -10.31 8.35
CA VAL B 59 -13.12 -9.25 9.36
C VAL B 59 -11.69 -8.88 9.71
N GLY B 60 -11.46 -7.60 9.98
CA GLY B 60 -10.16 -7.16 10.47
C GLY B 60 -9.85 -7.92 11.75
N ALA B 61 -8.62 -8.48 11.84
CA ALA B 61 -8.17 -9.29 12.98
C ALA B 61 -6.78 -8.94 13.42
N ALA B 62 -6.34 -7.73 13.03
CA ALA B 62 -5.02 -7.22 13.39
C ALA B 62 -5.11 -5.69 13.31
N PRO B 63 -4.30 -4.96 14.09
CA PRO B 63 -4.36 -3.48 14.04
C PRO B 63 -4.16 -2.92 12.65
N HIS B 64 -4.92 -1.88 12.31
CA HIS B 64 -4.80 -1.19 11.03
C HIS B 64 -5.08 0.29 11.30
N PRO B 65 -4.39 1.24 10.62
CA PRO B 65 -4.65 2.68 10.88
C PRO B 65 -6.11 3.11 10.77
N PHE B 66 -6.90 2.42 9.91
CA PHE B 66 -8.31 2.78 9.72
C PHE B 66 -9.28 2.01 10.61
N LEU B 67 -8.77 1.10 11.46
CA LEU B 67 -9.63 0.32 12.36
C LEU B 67 -9.53 0.80 13.80
N HIS B 68 -10.67 0.99 14.49
CA HIS B 68 -10.70 1.35 15.91
C HIS B 68 -10.89 0.10 16.76
N ARG B 69 -11.29 -1.02 16.10
CA ARG B 69 -11.47 -2.30 16.76
C ARG B 69 -11.30 -3.40 15.75
N TYR B 70 -11.05 -4.63 16.24
CA TYR B 70 -10.84 -5.77 15.37
C TYR B 70 -11.12 -7.05 16.13
N TYR B 71 -11.33 -8.14 15.39
CA TYR B 71 -11.60 -9.45 16.00
C TYR B 71 -10.31 -10.01 16.64
N GLN B 72 -10.41 -10.32 17.94
CA GLN B 72 -9.29 -10.85 18.73
C GLN B 72 -9.56 -12.31 19.03
N ARG B 73 -9.05 -13.19 18.15
CA ARG B 73 -9.32 -14.63 18.22
C ARG B 73 -8.88 -15.24 19.55
N GLN B 74 -7.75 -14.77 20.10
CA GLN B 74 -7.22 -15.29 21.37
C GLN B 74 -8.14 -15.03 22.57
N LEU B 75 -9.11 -14.10 22.43
CA LEU B 75 -10.08 -13.75 23.48
C LEU B 75 -11.41 -14.49 23.36
N SER B 76 -11.56 -15.31 22.28
CA SER B 76 -12.78 -16.03 22.05
C SER B 76 -12.59 -17.50 22.42
N SER B 77 -13.37 -18.00 23.39
CA SER B 77 -13.28 -19.40 23.80
C SER B 77 -13.84 -20.36 22.75
N THR B 78 -14.63 -19.83 21.80
CA THR B 78 -15.30 -20.64 20.77
C THR B 78 -14.61 -20.54 19.41
N TYR B 79 -13.47 -19.86 19.35
CA TYR B 79 -12.68 -19.77 18.14
C TYR B 79 -12.13 -21.16 17.78
N ARG B 80 -12.26 -21.51 16.50
CA ARG B 80 -11.71 -22.76 15.95
C ARG B 80 -10.82 -22.38 14.77
N ASP B 81 -9.56 -22.78 14.82
CA ASP B 81 -8.57 -22.45 13.78
C ASP B 81 -8.64 -23.53 12.70
N LEU B 82 -8.89 -23.14 11.43
CA LEU B 82 -8.94 -24.10 10.34
C LEU B 82 -7.55 -24.36 9.76
N ARG B 83 -6.52 -23.67 10.26
CA ARG B 83 -5.10 -23.88 9.88
C ARG B 83 -4.90 -23.71 8.39
N LYS B 84 -5.51 -22.67 7.80
CA LYS B 84 -5.46 -22.44 6.37
C LYS B 84 -5.50 -20.93 6.12
N GLY B 85 -4.66 -20.46 5.22
CA GLY B 85 -4.61 -19.07 4.83
C GLY B 85 -5.36 -18.84 3.54
N VAL B 86 -5.66 -17.58 3.23
CA VAL B 86 -6.31 -17.22 1.98
C VAL B 86 -5.87 -15.81 1.61
N TYR B 87 -5.49 -15.63 0.33
CA TYR B 87 -5.06 -14.35 -0.21
C TYR B 87 -6.08 -13.97 -1.26
N VAL B 88 -6.69 -12.77 -1.12
CA VAL B 88 -7.75 -12.34 -2.02
C VAL B 88 -7.43 -11.00 -2.67
N PRO B 89 -6.78 -11.00 -3.84
CA PRO B 89 -6.47 -9.73 -4.50
C PRO B 89 -7.59 -9.32 -5.48
N TYR B 90 -8.24 -8.17 -5.25
CA TYR B 90 -9.29 -7.66 -6.15
C TYR B 90 -8.63 -6.49 -6.92
N THR B 91 -9.30 -5.91 -7.90
CA THR B 91 -8.74 -4.78 -8.65
C THR B 91 -8.63 -3.58 -7.70
N GLN B 92 -9.69 -3.36 -6.93
CA GLN B 92 -9.89 -2.28 -5.97
C GLN B 92 -8.90 -2.40 -4.79
N GLY B 93 -9.07 -3.44 -3.97
CA GLY B 93 -8.26 -3.71 -2.79
C GLY B 93 -7.95 -5.19 -2.60
N LYS B 94 -6.99 -5.49 -1.72
CA LYS B 94 -6.55 -6.86 -1.48
C LYS B 94 -6.61 -7.15 -0.01
N TRP B 95 -6.85 -8.41 0.34
CA TRP B 95 -6.80 -8.80 1.75
C TRP B 95 -6.20 -10.18 1.89
N GLU B 96 -5.50 -10.41 3.01
CA GLU B 96 -4.82 -11.68 3.30
C GLU B 96 -5.38 -12.09 4.64
N GLY B 97 -5.78 -13.35 4.77
CA GLY B 97 -6.38 -13.76 6.03
C GLY B 97 -6.14 -15.20 6.41
N GLU B 98 -6.60 -15.50 7.62
CA GLU B 98 -6.49 -16.83 8.22
C GLU B 98 -7.88 -17.33 8.49
N LEU B 99 -8.20 -18.52 8.01
CA LEU B 99 -9.53 -19.10 8.13
C LEU B 99 -9.77 -19.77 9.48
N GLY B 100 -10.99 -19.61 9.97
CA GLY B 100 -11.42 -20.22 11.21
C GLY B 100 -12.92 -20.19 11.29
N THR B 101 -13.48 -20.69 12.40
CA THR B 101 -14.91 -20.60 12.63
C THR B 101 -15.15 -20.02 14.03
N ASP B 102 -16.34 -19.46 14.25
CA ASP B 102 -16.69 -18.95 15.57
C ASP B 102 -18.19 -18.75 15.60
N LEU B 103 -18.72 -18.42 16.78
CA LEU B 103 -20.16 -18.15 16.94
C LEU B 103 -20.41 -16.70 16.58
N VAL B 104 -21.42 -16.50 15.74
CA VAL B 104 -21.75 -15.20 15.19
C VAL B 104 -23.23 -14.89 15.41
N SER B 105 -23.54 -13.62 15.76
CA SER B 105 -24.91 -13.18 15.93
C SER B 105 -25.09 -11.81 15.26
N ILE B 106 -26.35 -11.44 15.01
CA ILE B 106 -26.72 -10.13 14.45
C ILE B 106 -27.68 -9.54 15.50
N PRO B 107 -27.18 -8.65 16.39
CA PRO B 107 -28.03 -8.10 17.48
C PRO B 107 -29.37 -7.56 17.02
N HIS B 108 -29.40 -6.85 15.88
CA HIS B 108 -30.67 -6.36 15.33
C HIS B 108 -31.08 -7.19 14.13
N GLY B 109 -31.05 -8.50 14.33
CA GLY B 109 -31.40 -9.49 13.32
C GLY B 109 -32.23 -10.59 13.93
N PRO B 110 -32.22 -11.80 13.35
CA PRO B 110 -32.95 -12.90 13.98
C PRO B 110 -32.29 -13.26 15.31
N ASN B 111 -33.09 -13.73 16.27
CA ASN B 111 -32.62 -14.07 17.60
C ASN B 111 -31.99 -15.46 17.56
N VAL B 112 -30.86 -15.57 16.85
CA VAL B 112 -30.14 -16.84 16.68
C VAL B 112 -28.64 -16.60 16.75
N THR B 113 -27.87 -17.66 16.98
CA THR B 113 -26.40 -17.61 16.99
C THR B 113 -26.00 -18.77 16.09
N VAL B 114 -25.08 -18.50 15.14
CA VAL B 114 -24.65 -19.44 14.11
C VAL B 114 -23.16 -19.75 14.28
N ARG B 115 -22.73 -21.00 14.00
CA ARG B 115 -21.32 -21.27 13.92
C ARG B 115 -20.99 -21.02 12.41
N ALA B 116 -20.13 -20.03 12.15
CA ALA B 116 -19.83 -19.63 10.77
C ALA B 116 -18.37 -19.51 10.50
N ASN B 117 -18.00 -19.59 9.22
CA ASN B 117 -16.63 -19.35 8.81
C ASN B 117 -16.30 -17.86 8.93
N ILE B 118 -15.08 -17.57 9.34
CA ILE B 118 -14.58 -16.20 9.45
C ILE B 118 -13.18 -16.16 8.91
N ALA B 119 -12.93 -15.23 7.98
CA ALA B 119 -11.59 -15.00 7.48
C ALA B 119 -11.07 -13.83 8.30
N ALA B 120 -10.07 -14.11 9.13
CA ALA B 120 -9.45 -13.12 10.00
C ALA B 120 -8.36 -12.39 9.21
N ILE B 121 -8.61 -11.12 8.83
CA ILE B 121 -7.69 -10.36 7.98
C ILE B 121 -6.48 -9.88 8.76
N THR B 122 -5.31 -10.30 8.29
CA THR B 122 -4.03 -9.96 8.92
C THR B 122 -3.22 -8.91 8.16
N GLU B 123 -3.43 -8.82 6.83
CA GLU B 123 -2.72 -7.85 5.95
C GLU B 123 -3.72 -7.38 4.90
N SER B 124 -3.61 -6.11 4.49
CA SER B 124 -4.55 -5.62 3.47
C SER B 124 -3.98 -4.45 2.71
N ASP B 125 -4.53 -4.20 1.53
CA ASP B 125 -4.06 -3.10 0.67
C ASP B 125 -5.32 -2.43 0.12
N LYS B 126 -5.62 -1.19 0.53
CA LYS B 126 -6.77 -0.40 0.04
C LYS B 126 -8.10 -1.14 0.25
N PHE B 127 -8.22 -1.88 1.36
CA PHE B 127 -9.41 -2.64 1.66
C PHE B 127 -10.30 -1.83 2.62
N PHE B 128 -9.77 -1.50 3.82
CA PHE B 128 -10.49 -0.70 4.79
C PHE B 128 -10.55 0.75 4.27
N ILE B 129 -11.64 1.44 4.61
CA ILE B 129 -11.91 2.83 4.23
C ILE B 129 -11.82 3.69 5.48
N ASN B 130 -11.01 4.75 5.43
CA ASN B 130 -10.89 5.67 6.54
C ASN B 130 -12.23 6.38 6.81
N GLY B 131 -12.75 6.23 8.02
CA GLY B 131 -13.99 6.84 8.48
C GLY B 131 -15.29 6.14 8.08
N SER B 132 -15.20 4.94 7.46
CA SER B 132 -16.40 4.16 7.05
C SER B 132 -17.21 3.62 8.23
N ASN B 133 -16.56 3.45 9.38
CA ASN B 133 -17.14 2.88 10.61
C ASN B 133 -17.41 1.36 10.48
N TRP B 134 -16.87 0.66 9.45
CA TRP B 134 -16.99 -0.79 9.39
C TRP B 134 -15.61 -1.45 9.50
N GLU B 135 -15.59 -2.66 10.05
CA GLU B 135 -14.38 -3.42 10.32
C GLU B 135 -14.30 -4.76 9.61
N GLY B 136 -15.30 -5.06 8.79
CA GLY B 136 -15.32 -6.31 8.07
C GLY B 136 -16.42 -6.27 7.03
N ILE B 137 -16.54 -7.36 6.25
CA ILE B 137 -17.52 -7.49 5.16
C ILE B 137 -18.29 -8.76 5.32
N LEU B 138 -19.60 -8.68 5.11
CA LEU B 138 -20.51 -9.82 5.10
C LEU B 138 -20.86 -10.11 3.64
N GLY B 139 -20.18 -11.07 3.04
CA GLY B 139 -20.48 -11.45 1.66
C GLY B 139 -21.73 -12.30 1.62
N LEU B 140 -22.78 -11.79 0.99
CA LEU B 140 -24.09 -12.43 0.96
C LEU B 140 -24.37 -13.22 -0.31
N ALA B 141 -23.41 -13.28 -1.24
CA ALA B 141 -23.63 -14.02 -2.49
C ALA B 141 -23.32 -15.51 -2.28
N TYR B 142 -23.26 -16.29 -3.39
CA TYR B 142 -23.21 -17.75 -3.28
C TYR B 142 -21.83 -18.35 -3.17
N ALA B 143 -21.77 -19.64 -2.71
CA ALA B 143 -20.49 -20.34 -2.49
C ALA B 143 -19.59 -20.43 -3.71
N GLU B 144 -20.17 -20.45 -4.93
CA GLU B 144 -19.34 -20.51 -6.12
C GLU B 144 -18.19 -19.49 -6.15
N ILE B 145 -18.42 -18.26 -5.63
CA ILE B 145 -17.41 -17.23 -5.67
C ILE B 145 -16.73 -17.00 -4.29
N ALA B 146 -16.92 -17.94 -3.33
CA ALA B 146 -16.23 -17.87 -2.05
C ALA B 146 -14.75 -18.16 -2.26
N ARG B 147 -13.90 -17.52 -1.45
CA ARG B 147 -12.44 -17.71 -1.50
C ARG B 147 -12.03 -18.51 -0.26
N PRO B 148 -11.12 -19.50 -0.38
CA PRO B 148 -10.34 -19.88 -1.59
C PRO B 148 -11.12 -20.65 -2.65
N ASP B 149 -12.21 -21.30 -2.24
CA ASP B 149 -13.07 -22.09 -3.11
C ASP B 149 -14.46 -22.28 -2.53
N ASP B 150 -15.35 -22.96 -3.28
CA ASP B 150 -16.74 -23.14 -2.89
C ASP B 150 -16.96 -24.09 -1.71
N SER B 151 -15.89 -24.68 -1.13
CA SER B 151 -16.10 -25.51 0.04
C SER B 151 -16.22 -24.65 1.30
N LEU B 152 -15.91 -23.32 1.19
CA LEU B 152 -15.99 -22.44 2.36
C LEU B 152 -17.39 -21.87 2.42
N GLU B 153 -18.25 -22.53 3.19
CA GLU B 153 -19.66 -22.16 3.27
C GLU B 153 -19.87 -20.68 3.64
N PRO B 154 -20.59 -19.90 2.83
CA PRO B 154 -20.85 -18.49 3.19
C PRO B 154 -21.78 -18.36 4.41
N PHE B 155 -21.72 -17.20 5.06
CA PHE B 155 -22.51 -16.96 6.25
C PHE B 155 -24.01 -17.26 6.08
N PHE B 156 -24.63 -16.71 5.02
CA PHE B 156 -26.08 -16.89 4.90
C PHE B 156 -26.48 -18.35 4.74
N ASP B 157 -25.63 -19.15 4.06
CA ASP B 157 -25.86 -20.59 3.90
C ASP B 157 -25.81 -21.26 5.28
N SER B 158 -24.85 -20.89 6.13
CA SER B 158 -24.78 -21.43 7.50
C SER B 158 -26.00 -21.03 8.30
N LEU B 159 -26.41 -19.76 8.18
CA LEU B 159 -27.57 -19.26 8.92
C LEU B 159 -28.83 -20.07 8.55
N VAL B 160 -29.06 -20.30 7.24
CA VAL B 160 -30.25 -21.06 6.82
C VAL B 160 -30.18 -22.53 7.25
N LYS B 161 -29.00 -23.13 7.14
CA LYS B 161 -28.81 -24.55 7.49
C LYS B 161 -29.02 -24.82 8.99
N GLN B 162 -28.51 -23.91 9.81
CA GLN B 162 -28.53 -24.11 11.27
C GLN B 162 -29.78 -23.61 12.01
N THR B 163 -30.62 -22.80 11.34
CA THR B 163 -31.78 -22.21 12.02
C THR B 163 -33.05 -22.40 11.17
N HIS B 164 -34.18 -21.85 11.61
CA HIS B 164 -35.39 -21.90 10.77
C HIS B 164 -35.58 -20.58 10.01
N VAL B 165 -34.51 -19.77 9.89
CA VAL B 165 -34.61 -18.49 9.17
C VAL B 165 -34.89 -18.80 7.69
N PRO B 166 -35.99 -18.26 7.09
CA PRO B 166 -36.24 -18.52 5.66
C PRO B 166 -35.09 -18.03 4.75
N ASN B 167 -34.91 -18.71 3.61
CA ASN B 167 -33.81 -18.45 2.65
C ASN B 167 -34.09 -17.22 1.78
N LEU B 168 -34.10 -16.06 2.40
CA LEU B 168 -34.39 -14.80 1.73
C LEU B 168 -33.95 -13.66 2.62
N PHE B 169 -33.49 -12.56 2.03
CA PHE B 169 -33.24 -11.35 2.79
C PHE B 169 -33.61 -10.19 1.88
N SER B 170 -33.84 -9.03 2.46
CA SER B 170 -34.21 -7.87 1.66
C SER B 170 -33.47 -6.64 2.18
N LEU B 171 -33.14 -5.70 1.28
CA LEU B 171 -32.39 -4.52 1.62
C LEU B 171 -33.08 -3.24 1.20
N GLN B 172 -33.11 -2.28 2.14
CA GLN B 172 -33.58 -0.93 1.89
C GLN B 172 -32.41 -0.06 2.25
N LEU B 173 -31.68 0.46 1.26
CA LEU B 173 -30.53 1.35 1.53
C LEU B 173 -31.07 2.78 1.34
N CYS B 174 -30.90 3.63 2.36
CA CYS B 174 -31.48 4.96 2.35
C CYS B 174 -30.46 6.05 2.19
N GLY B 175 -30.41 6.65 0.99
CA GLY B 175 -29.53 7.79 0.73
C GLY B 175 -30.21 9.01 1.32
N ALA B 176 -29.45 9.87 2.00
CA ALA B 176 -30.06 11.06 2.62
C ALA B 176 -30.52 12.10 1.61
N GLY B 177 -29.85 12.18 0.46
CA GLY B 177 -30.15 13.21 -0.53
C GLY B 177 -29.29 14.45 -0.36
N PHE B 178 -28.43 14.44 0.67
CA PHE B 178 -27.52 15.54 0.97
C PHE B 178 -26.36 14.97 1.77
N PRO B 179 -25.23 15.69 1.89
CA PRO B 179 -24.09 15.14 2.63
C PRO B 179 -24.37 15.05 4.14
N LEU B 180 -23.84 13.98 4.73
CA LEU B 180 -23.93 13.77 6.17
C LEU B 180 -22.52 13.91 6.70
N ASN B 181 -22.33 14.74 7.75
CA ASN B 181 -20.99 14.87 8.32
C ASN B 181 -20.69 13.63 9.19
N GLN B 182 -19.46 13.55 9.74
CA GLN B 182 -19.02 12.43 10.58
C GLN B 182 -20.01 12.12 11.70
N SER B 183 -20.45 13.14 12.46
CA SER B 183 -21.39 12.89 13.55
C SER B 183 -22.80 12.48 13.07
N GLU B 184 -23.30 13.13 12.01
CA GLU B 184 -24.63 12.84 11.49
C GLU B 184 -24.72 11.42 10.92
N VAL B 185 -23.69 10.96 10.21
CA VAL B 185 -23.74 9.63 9.60
C VAL B 185 -23.75 8.55 10.70
N LEU B 186 -23.13 8.85 11.87
CA LEU B 186 -23.15 7.88 12.98
C LEU B 186 -24.51 7.88 13.69
N ALA B 187 -25.17 9.04 13.75
CA ALA B 187 -26.44 9.16 14.46
C ALA B 187 -27.63 8.82 13.59
N SER B 188 -27.44 8.83 12.27
CA SER B 188 -28.51 8.61 11.33
C SER B 188 -28.78 7.16 10.99
N VAL B 189 -30.05 6.87 10.68
CA VAL B 189 -30.48 5.54 10.22
C VAL B 189 -30.21 5.47 8.71
N GLY B 190 -29.47 4.45 8.27
CA GLY B 190 -29.14 4.31 6.86
C GLY B 190 -29.98 3.31 6.09
N GLY B 191 -30.90 2.63 6.76
CA GLY B 191 -31.73 1.65 6.07
C GLY B 191 -32.01 0.41 6.86
N SER B 192 -32.48 -0.63 6.17
CA SER B 192 -32.85 -1.91 6.79
C SER B 192 -32.39 -3.09 6.00
N MET B 193 -31.95 -4.12 6.74
CA MET B 193 -31.68 -5.44 6.18
C MET B 193 -32.63 -6.37 6.92
N ILE B 194 -33.67 -6.83 6.22
CA ILE B 194 -34.64 -7.76 6.81
C ILE B 194 -34.16 -9.16 6.48
N ILE B 195 -33.75 -9.89 7.51
CA ILE B 195 -33.21 -11.25 7.34
C ILE B 195 -34.35 -12.25 7.51
N GLY B 196 -34.63 -12.99 6.46
CA GLY B 196 -35.68 -14.01 6.45
C GLY B 196 -37.05 -13.55 6.01
N GLY B 197 -37.17 -12.33 5.49
CA GLY B 197 -38.48 -11.85 5.10
C GLY B 197 -38.51 -10.53 4.38
N ILE B 198 -39.74 -10.08 4.13
CA ILE B 198 -40.09 -8.83 3.46
C ILE B 198 -40.91 -7.98 4.41
N ASP B 199 -40.54 -6.71 4.59
CA ASP B 199 -41.32 -5.80 5.40
C ASP B 199 -42.03 -4.85 4.44
N HIS B 200 -43.35 -4.95 4.39
CA HIS B 200 -44.15 -4.20 3.43
C HIS B 200 -44.20 -2.68 3.70
N SER B 201 -43.72 -2.19 4.85
CA SER B 201 -43.67 -0.76 5.14
C SER B 201 -42.51 -0.05 4.38
N LEU B 202 -41.55 -0.85 3.86
CA LEU B 202 -40.34 -0.27 3.25
C LEU B 202 -40.45 0.08 1.78
N TYR B 203 -41.60 -0.20 1.16
CA TYR B 203 -41.78 0.11 -0.25
C TYR B 203 -43.18 0.59 -0.55
N THR B 204 -43.34 1.18 -1.74
CA THR B 204 -44.64 1.59 -2.25
C THR B 204 -44.88 0.86 -3.56
N GLY B 205 -46.14 0.74 -3.95
CA GLY B 205 -46.46 0.05 -5.19
C GLY B 205 -46.24 -1.45 -5.10
N SER B 206 -46.01 -2.09 -6.24
CA SER B 206 -45.82 -3.54 -6.30
C SER B 206 -44.39 -3.97 -6.42
N LEU B 207 -44.11 -5.21 -5.97
CA LEU B 207 -42.82 -5.85 -6.17
C LEU B 207 -42.86 -6.55 -7.51
N TRP B 208 -41.83 -6.34 -8.32
CA TRP B 208 -41.65 -7.04 -9.59
C TRP B 208 -40.39 -7.87 -9.48
N TYR B 209 -40.43 -9.12 -9.98
CA TYR B 209 -39.32 -10.02 -9.83
C TYR B 209 -38.64 -10.37 -11.13
N THR B 210 -37.30 -10.43 -11.07
CA THR B 210 -36.45 -10.84 -12.18
C THR B 210 -35.76 -12.13 -11.77
N PRO B 211 -35.61 -13.13 -12.66
CA PRO B 211 -34.91 -14.37 -12.24
C PRO B 211 -33.43 -14.11 -11.92
N ILE B 212 -32.88 -14.89 -10.96
CA ILE B 212 -31.44 -14.92 -10.72
C ILE B 212 -31.00 -15.90 -11.82
N ARG B 213 -30.20 -15.41 -12.75
CA ARG B 213 -29.81 -16.21 -13.91
C ARG B 213 -29.03 -17.45 -13.52
N ARG B 214 -28.11 -17.27 -12.58
CA ARG B 214 -27.23 -18.29 -12.04
C ARG B 214 -26.79 -17.86 -10.66
N GLU B 215 -26.61 -18.85 -9.77
CA GLU B 215 -26.26 -18.60 -8.37
C GLU B 215 -24.77 -18.56 -8.15
N TRP B 216 -24.19 -17.38 -8.32
CA TRP B 216 -22.77 -17.14 -8.05
C TRP B 216 -22.75 -15.71 -7.47
N TYR B 217 -22.70 -14.70 -8.31
CA TYR B 217 -23.09 -13.35 -7.95
C TYR B 217 -24.62 -13.40 -8.02
N TYR B 218 -25.31 -12.28 -7.63
CA TYR B 218 -26.75 -12.19 -7.87
C TYR B 218 -26.89 -11.64 -9.29
N GLU B 219 -26.80 -12.58 -10.27
CA GLU B 219 -26.78 -12.25 -11.70
C GLU B 219 -28.20 -12.09 -12.26
N VAL B 220 -28.40 -11.04 -13.07
CA VAL B 220 -29.68 -10.75 -13.67
C VAL B 220 -29.45 -10.45 -15.15
N ILE B 221 -30.55 -10.28 -15.89
CA ILE B 221 -30.46 -9.95 -17.32
C ILE B 221 -31.25 -8.67 -17.62
N ILE B 222 -30.53 -7.66 -18.14
CA ILE B 222 -31.11 -6.38 -18.61
C ILE B 222 -31.47 -6.57 -20.09
N VAL B 223 -32.70 -6.20 -20.48
CA VAL B 223 -33.15 -6.44 -21.86
C VAL B 223 -33.34 -5.15 -22.69
N ARG B 224 -33.32 -3.98 -22.03
CA ARG B 224 -33.51 -2.70 -22.72
C ARG B 224 -33.03 -1.60 -21.78
N VAL B 225 -32.50 -0.52 -22.35
CA VAL B 225 -32.08 0.64 -21.57
C VAL B 225 -32.65 1.87 -22.26
N GLU B 226 -33.27 2.78 -21.48
CA GLU B 226 -33.76 4.05 -21.98
C GLU B 226 -33.17 5.20 -21.18
N ILE B 227 -32.95 6.34 -21.85
CA ILE B 227 -32.54 7.60 -21.20
C ILE B 227 -33.69 8.56 -21.53
N ASN B 228 -34.49 8.98 -20.51
CA ASN B 228 -35.66 9.82 -20.76
C ASN B 228 -36.57 9.22 -21.86
N GLY B 229 -36.78 7.91 -21.78
CA GLY B 229 -37.67 7.22 -22.72
C GLY B 229 -37.04 6.91 -24.07
N GLN B 230 -35.81 7.43 -24.34
CA GLN B 230 -35.17 7.17 -25.63
C GLN B 230 -34.34 5.90 -25.51
N ASP B 231 -34.64 4.93 -26.39
CA ASP B 231 -33.94 3.65 -26.39
C ASP B 231 -32.46 3.85 -26.72
N LEU B 232 -31.57 3.28 -25.88
CA LEU B 232 -30.14 3.37 -26.13
C LEU B 232 -29.79 2.56 -27.41
N LYS B 233 -30.69 1.64 -27.78
CA LYS B 233 -30.69 0.88 -29.05
C LYS B 233 -29.42 0.07 -29.31
N MET B 234 -28.85 -0.51 -28.27
CA MET B 234 -27.71 -1.39 -28.46
C MET B 234 -28.22 -2.82 -28.50
N ASP B 235 -27.43 -3.75 -29.06
CA ASP B 235 -27.78 -5.18 -29.00
C ASP B 235 -27.83 -5.49 -27.48
N CYS B 236 -28.92 -6.09 -26.99
CA CYS B 236 -29.10 -6.29 -25.53
C CYS B 236 -27.98 -7.12 -24.89
N LYS B 237 -27.25 -7.95 -25.69
CA LYS B 237 -26.09 -8.69 -25.13
C LYS B 237 -25.06 -7.70 -24.55
N GLU B 238 -24.92 -6.49 -25.15
CA GLU B 238 -23.96 -5.49 -24.68
C GLU B 238 -24.27 -5.06 -23.25
N TYR B 239 -25.54 -5.04 -22.86
CA TYR B 239 -25.93 -4.60 -21.51
C TYR B 239 -25.48 -5.58 -20.43
N ASN B 240 -25.27 -6.83 -20.82
CA ASN B 240 -24.91 -7.91 -19.88
C ASN B 240 -23.57 -8.51 -20.20
N TYR B 241 -22.68 -7.73 -20.81
CA TYR B 241 -21.37 -8.24 -21.21
C TYR B 241 -20.33 -7.85 -20.15
N ASP B 242 -19.73 -8.83 -19.38
CA ASP B 242 -19.95 -10.28 -19.45
C ASP B 242 -20.96 -10.83 -18.43
N LYS B 243 -21.53 -9.95 -17.59
CA LYS B 243 -22.62 -10.31 -16.67
C LYS B 243 -23.23 -9.01 -16.19
N SER B 244 -24.41 -9.10 -15.57
CA SER B 244 -25.03 -7.96 -14.89
C SER B 244 -25.34 -8.46 -13.49
N ILE B 245 -24.96 -7.67 -12.46
CA ILE B 245 -25.20 -8.14 -11.08
C ILE B 245 -25.78 -7.03 -10.22
N VAL B 246 -26.38 -7.42 -9.08
CA VAL B 246 -26.88 -6.49 -8.08
C VAL B 246 -25.87 -6.54 -6.94
N ASP B 247 -25.17 -5.42 -6.68
CA ASP B 247 -24.05 -5.41 -5.74
C ASP B 247 -24.06 -4.27 -4.75
N SER B 248 -24.51 -4.54 -3.50
CA SER B 248 -24.51 -3.50 -2.45
C SER B 248 -23.08 -3.09 -2.02
N GLY B 249 -22.07 -3.85 -2.45
CA GLY B 249 -20.68 -3.59 -2.14
C GLY B 249 -19.92 -2.76 -3.16
N THR B 250 -20.66 -2.07 -4.06
CA THR B 250 -20.13 -1.14 -5.06
C THR B 250 -20.96 0.15 -4.90
N THR B 251 -20.31 1.32 -4.99
CA THR B 251 -21.05 2.58 -4.89
C THR B 251 -21.89 2.84 -6.14
N ASN B 252 -21.24 2.87 -7.30
CA ASN B 252 -21.87 3.34 -8.52
C ASN B 252 -22.73 2.36 -9.29
N LEU B 253 -23.47 2.91 -10.29
CA LEU B 253 -24.02 2.12 -11.35
C LEU B 253 -22.81 1.99 -12.32
N ARG B 254 -22.32 0.77 -12.52
CA ARG B 254 -21.18 0.56 -13.43
C ARG B 254 -21.66 -0.10 -14.69
N LEU B 255 -21.20 0.40 -15.86
CA LEU B 255 -21.69 -0.13 -17.15
C LEU B 255 -20.53 -0.59 -18.01
N PRO B 256 -20.74 -1.64 -18.81
CA PRO B 256 -19.68 -2.09 -19.74
C PRO B 256 -19.22 -0.92 -20.61
N LYS B 257 -17.94 -0.88 -20.96
CA LYS B 257 -17.35 0.21 -21.74
C LYS B 257 -18.25 0.78 -22.87
N LYS B 258 -18.73 -0.08 -23.79
CA LYS B 258 -19.55 0.38 -24.93
C LYS B 258 -20.86 1.02 -24.48
N VAL B 259 -21.47 0.42 -23.45
CA VAL B 259 -22.73 0.93 -22.90
C VAL B 259 -22.49 2.25 -22.15
N PHE B 260 -21.42 2.32 -21.36
CA PHE B 260 -21.06 3.54 -20.66
C PHE B 260 -20.88 4.70 -21.65
N GLU B 261 -20.11 4.48 -22.72
CA GLU B 261 -19.87 5.56 -23.69
C GLU B 261 -21.19 6.02 -24.34
N ALA B 262 -22.09 5.08 -24.70
CA ALA B 262 -23.40 5.43 -25.31
C ALA B 262 -24.30 6.17 -24.31
N ALA B 263 -24.30 5.69 -23.04
CA ALA B 263 -25.15 6.27 -22.01
C ALA B 263 -24.67 7.67 -21.69
N VAL B 264 -23.35 7.89 -21.53
CA VAL B 264 -22.84 9.25 -21.22
C VAL B 264 -23.16 10.21 -22.38
N LYS B 265 -23.02 9.74 -23.63
CA LYS B 265 -23.34 10.60 -24.78
C LYS B 265 -24.82 11.03 -24.68
N SER B 266 -25.71 10.09 -24.35
CA SER B 266 -27.14 10.39 -24.26
C SER B 266 -27.47 11.29 -23.06
N ILE B 267 -26.82 11.04 -21.90
CA ILE B 267 -27.07 11.88 -20.72
C ILE B 267 -26.54 13.31 -20.96
N LYS B 268 -25.39 13.42 -21.64
CA LYS B 268 -24.86 14.76 -21.99
C LYS B 268 -25.84 15.47 -22.93
N ALA B 269 -26.38 14.76 -23.94
CA ALA B 269 -27.31 15.38 -24.90
C ALA B 269 -28.59 15.86 -24.18
N ALA B 270 -29.09 15.05 -23.22
CA ALA B 270 -30.32 15.44 -22.52
C ALA B 270 -30.11 16.63 -21.60
N SER B 271 -28.89 16.75 -21.03
CA SER B 271 -28.56 17.81 -20.07
C SER B 271 -27.78 18.98 -20.72
N SER B 272 -27.82 19.06 -22.07
CA SER B 272 -26.97 19.98 -22.83
C SER B 272 -27.18 21.47 -22.56
N THR B 273 -28.28 21.86 -21.87
CA THR B 273 -28.43 23.29 -21.55
C THR B 273 -27.38 23.77 -20.52
N GLU B 274 -26.67 22.82 -19.83
CA GLU B 274 -25.56 23.18 -18.94
C GLU B 274 -24.38 22.27 -19.33
N LYS B 275 -23.18 22.86 -19.44
CA LYS B 275 -21.99 22.12 -19.82
C LYS B 275 -21.14 21.87 -18.61
N PHE B 276 -20.69 20.63 -18.47
CA PHE B 276 -19.87 20.21 -17.34
C PHE B 276 -18.52 19.76 -17.84
N PRO B 277 -17.49 19.96 -17.01
CA PRO B 277 -16.14 19.54 -17.42
C PRO B 277 -16.01 18.02 -17.57
N ASP B 278 -15.01 17.58 -18.35
CA ASP B 278 -14.79 16.16 -18.58
C ASP B 278 -14.61 15.39 -17.28
N GLY B 279 -13.95 16.01 -16.29
CA GLY B 279 -13.69 15.41 -14.98
C GLY B 279 -14.98 15.04 -14.26
N PHE B 280 -16.07 15.80 -14.51
CA PHE B 280 -17.36 15.48 -13.87
C PHE B 280 -17.87 14.13 -14.43
N TRP B 281 -17.87 13.99 -15.76
CA TRP B 281 -18.38 12.78 -16.42
C TRP B 281 -17.51 11.55 -16.14
N LEU B 282 -16.24 11.78 -15.69
CA LEU B 282 -15.31 10.72 -15.29
C LEU B 282 -15.51 10.30 -13.82
N GLY B 283 -16.44 10.96 -13.14
CA GLY B 283 -16.78 10.67 -11.75
C GLY B 283 -15.74 11.13 -10.74
N GLU B 284 -14.79 11.95 -11.18
CA GLU B 284 -13.66 12.47 -10.39
C GLU B 284 -13.90 13.83 -9.76
N GLN B 285 -14.59 14.72 -10.48
CA GLN B 285 -14.79 16.10 -10.08
C GLN B 285 -16.21 16.37 -9.63
N LEU B 286 -16.37 17.18 -8.61
CA LEU B 286 -17.71 17.52 -8.20
C LEU B 286 -18.25 18.67 -9.03
N VAL B 287 -19.59 18.78 -9.07
CA VAL B 287 -20.31 19.90 -9.68
C VAL B 287 -21.12 20.52 -8.53
N CYS B 288 -21.19 21.86 -8.46
CA CYS B 288 -21.87 22.56 -7.38
C CYS B 288 -22.86 23.56 -7.91
N TRP B 289 -23.95 23.73 -7.17
CA TRP B 289 -24.94 24.76 -7.45
C TRP B 289 -25.24 25.51 -6.17
N GLN B 290 -25.70 26.75 -6.31
CA GLN B 290 -26.14 27.52 -5.14
C GLN B 290 -27.20 26.71 -4.38
N ALA B 291 -27.18 26.80 -3.05
CA ALA B 291 -28.10 26.07 -2.17
C ALA B 291 -29.55 26.03 -2.69
N GLY B 292 -30.06 24.81 -2.87
CA GLY B 292 -31.43 24.59 -3.28
C GLY B 292 -31.71 24.69 -4.77
N THR B 293 -30.69 25.06 -5.58
CA THR B 293 -30.91 25.31 -7.01
C THR B 293 -30.46 24.19 -7.95
N THR B 294 -30.13 23.01 -7.43
CA THR B 294 -29.73 21.89 -8.31
C THR B 294 -30.81 21.72 -9.40
N PRO B 295 -30.40 21.77 -10.68
CA PRO B 295 -31.37 21.71 -11.78
C PRO B 295 -31.71 20.28 -12.14
N TRP B 296 -32.36 19.57 -11.21
CA TRP B 296 -32.70 18.16 -11.44
C TRP B 296 -33.37 17.94 -12.78
N ASN B 297 -34.29 18.86 -13.14
CA ASN B 297 -35.10 18.70 -14.35
C ASN B 297 -34.31 18.62 -15.64
N ILE B 298 -33.06 19.14 -15.66
CA ILE B 298 -32.29 19.08 -16.92
C ILE B 298 -31.67 17.70 -17.13
N PHE B 299 -31.57 16.89 -16.05
CA PHE B 299 -30.98 15.58 -16.14
C PHE B 299 -32.09 14.55 -16.40
N PRO B 300 -31.77 13.55 -17.23
CA PRO B 300 -32.78 12.57 -17.59
C PRO B 300 -32.98 11.45 -16.58
N VAL B 301 -34.12 10.80 -16.67
CA VAL B 301 -34.30 9.56 -15.91
C VAL B 301 -33.67 8.41 -16.71
N ILE B 302 -33.33 7.33 -16.01
CA ILE B 302 -32.72 6.17 -16.67
C ILE B 302 -33.58 4.97 -16.34
N SER B 303 -34.02 4.24 -17.37
CA SER B 303 -34.82 3.04 -17.15
C SER B 303 -34.05 1.81 -17.58
N LEU B 304 -33.97 0.82 -16.70
CA LEU B 304 -33.37 -0.47 -17.00
C LEU B 304 -34.52 -1.49 -17.02
N TYR B 305 -34.72 -2.16 -18.16
CA TYR B 305 -35.75 -3.19 -18.28
C TYR B 305 -35.11 -4.52 -17.94
N LEU B 306 -35.77 -5.28 -17.05
CA LEU B 306 -35.25 -6.56 -16.58
C LEU B 306 -36.14 -7.69 -17.03
N MET B 307 -35.55 -8.88 -17.26
CA MET B 307 -36.33 -10.06 -17.62
C MET B 307 -37.34 -10.36 -16.50
N GLY B 308 -38.59 -10.66 -16.87
CA GLY B 308 -39.62 -10.98 -15.89
C GLY B 308 -39.66 -12.47 -15.62
N GLU B 309 -40.55 -12.87 -14.72
CA GLU B 309 -40.71 -14.29 -14.37
C GLU B 309 -41.61 -15.03 -15.38
N VAL B 310 -42.47 -14.29 -16.10
CA VAL B 310 -43.38 -14.86 -17.10
C VAL B 310 -42.67 -14.85 -18.45
N THR B 311 -42.86 -15.91 -19.27
CA THR B 311 -42.24 -15.99 -20.59
C THR B 311 -42.61 -14.76 -21.42
N ASN B 312 -41.61 -14.18 -22.10
CA ASN B 312 -41.76 -13.01 -22.98
C ASN B 312 -42.27 -11.75 -22.27
N GLN B 313 -42.05 -11.67 -20.97
CA GLN B 313 -42.47 -10.51 -20.19
C GLN B 313 -41.26 -9.86 -19.53
N SER B 314 -41.23 -8.52 -19.52
CA SER B 314 -40.19 -7.79 -18.80
C SER B 314 -40.87 -6.70 -17.96
N PHE B 315 -40.08 -6.01 -17.14
CA PHE B 315 -40.58 -4.87 -16.39
C PHE B 315 -39.44 -3.87 -16.36
N ARG B 316 -39.69 -2.63 -15.92
CA ARG B 316 -38.59 -1.65 -15.87
C ARG B 316 -38.50 -1.03 -14.51
N ILE B 317 -37.26 -0.63 -14.17
CA ILE B 317 -36.99 0.17 -12.98
C ILE B 317 -36.46 1.51 -13.50
N THR B 318 -36.97 2.61 -12.95
CA THR B 318 -36.58 3.94 -13.41
C THR B 318 -35.94 4.71 -12.29
N ILE B 319 -34.73 5.22 -12.55
CA ILE B 319 -34.03 6.01 -11.54
C ILE B 319 -33.92 7.44 -11.97
N LEU B 320 -33.80 8.29 -10.99
CA LEU B 320 -33.72 9.71 -11.21
C LEU B 320 -32.28 10.19 -11.06
N PRO B 321 -31.97 11.44 -11.50
CA PRO B 321 -30.64 12.00 -11.20
C PRO B 321 -30.43 12.07 -9.67
N GLN B 322 -31.51 12.11 -8.85
CA GLN B 322 -31.34 12.11 -7.38
C GLN B 322 -30.67 10.79 -6.92
N GLN B 323 -30.70 9.73 -7.75
CA GLN B 323 -29.98 8.49 -7.45
C GLN B 323 -28.58 8.55 -8.06
N TYR B 324 -28.44 8.91 -9.36
CA TYR B 324 -27.14 8.77 -9.99
C TYR B 324 -26.21 9.97 -9.82
N LEU B 325 -26.65 11.04 -9.14
CA LEU B 325 -25.78 12.16 -8.71
C LEU B 325 -25.63 11.99 -7.19
N ARG B 326 -24.41 11.69 -6.75
CA ARG B 326 -24.14 11.39 -5.35
C ARG B 326 -23.79 12.68 -4.60
N PRO B 327 -24.55 13.03 -3.56
CA PRO B 327 -24.24 14.24 -2.77
C PRO B 327 -22.90 14.14 -2.05
N VAL B 328 -22.10 15.20 -2.18
CA VAL B 328 -20.77 15.29 -1.54
C VAL B 328 -20.58 16.70 -1.00
N GLU B 329 -19.76 16.85 0.04
CA GLU B 329 -19.45 18.18 0.58
C GLU B 329 -18.40 18.83 -0.31
N ASP B 330 -18.49 20.14 -0.46
CA ASP B 330 -17.60 20.96 -1.30
C ASP B 330 -16.13 20.87 -0.84
N SER B 334 -18.63 25.90 1.99
CA SER B 334 -19.71 26.60 1.30
C SER B 334 -21.08 26.02 1.67
N GLN B 335 -22.14 26.73 1.29
CA GLN B 335 -23.52 26.29 1.45
C GLN B 335 -24.04 25.72 0.14
N ASP B 336 -23.16 25.54 -0.86
CA ASP B 336 -23.62 25.00 -2.13
C ASP B 336 -24.01 23.54 -2.00
N ASP B 337 -24.85 23.07 -2.95
CA ASP B 337 -25.24 21.67 -3.04
C ASP B 337 -24.37 21.08 -4.15
N CYS B 338 -23.54 20.09 -3.79
CA CYS B 338 -22.53 19.49 -4.66
C CYS B 338 -22.73 18.03 -4.85
N TYR B 339 -22.32 17.53 -6.02
CA TYR B 339 -22.51 16.13 -6.35
C TYR B 339 -21.40 15.58 -7.19
N LYS B 340 -21.23 14.24 -7.15
CA LYS B 340 -20.38 13.54 -8.08
C LYS B 340 -21.27 12.65 -8.96
N PHE B 341 -20.86 12.45 -10.22
CA PHE B 341 -21.56 11.59 -11.16
C PHE B 341 -21.23 10.15 -10.78
N ALA B 342 -22.28 9.39 -10.41
CA ALA B 342 -22.12 8.04 -9.89
C ALA B 342 -22.43 6.93 -10.88
N ILE B 343 -22.08 7.19 -12.15
CA ILE B 343 -22.14 6.18 -13.22
C ILE B 343 -20.73 6.09 -13.75
N SER B 344 -20.20 4.86 -13.82
CA SER B 344 -18.82 4.71 -14.26
C SER B 344 -18.63 3.48 -15.12
N GLN B 345 -17.47 3.41 -15.80
CA GLN B 345 -17.18 2.33 -16.73
C GLN B 345 -16.70 1.07 -16.01
N SER B 346 -17.07 -0.08 -16.56
CA SER B 346 -16.69 -1.39 -16.07
C SER B 346 -16.09 -2.24 -17.19
N SER B 347 -15.20 -3.18 -16.81
CA SER B 347 -14.66 -4.18 -17.74
C SER B 347 -15.13 -5.57 -17.27
N THR B 348 -16.01 -5.62 -16.26
CA THR B 348 -16.54 -6.86 -15.69
C THR B 348 -18.06 -6.93 -15.70
N GLY B 349 -18.69 -6.18 -16.61
CA GLY B 349 -20.14 -6.19 -16.75
C GLY B 349 -20.86 -5.06 -16.03
N THR B 350 -22.18 -5.10 -16.07
CA THR B 350 -22.99 -4.08 -15.40
C THR B 350 -23.03 -4.38 -13.91
N VAL B 351 -22.93 -3.33 -13.10
CA VAL B 351 -23.05 -3.48 -11.64
C VAL B 351 -24.10 -2.49 -11.17
N MET B 352 -25.20 -3.02 -10.60
CA MET B 352 -26.22 -2.14 -10.02
C MET B 352 -25.79 -1.95 -8.56
N GLY B 353 -25.02 -0.88 -8.31
CA GLY B 353 -24.45 -0.58 -7.00
C GLY B 353 -25.40 0.13 -6.05
N ALA B 354 -24.84 0.62 -4.95
CA ALA B 354 -25.61 1.27 -3.89
C ALA B 354 -26.45 2.44 -4.38
N VAL B 355 -25.93 3.27 -5.31
CA VAL B 355 -26.72 4.44 -5.73
C VAL B 355 -28.01 4.01 -6.44
N ILE B 356 -28.01 2.85 -7.12
CA ILE B 356 -29.22 2.32 -7.76
C ILE B 356 -30.11 1.70 -6.69
N MET B 357 -29.49 0.89 -5.80
CA MET B 357 -30.25 0.27 -4.73
C MET B 357 -30.94 1.27 -3.82
N GLU B 358 -30.41 2.50 -3.69
CA GLU B 358 -31.05 3.53 -2.88
C GLU B 358 -32.44 3.93 -3.42
N GLY B 359 -32.72 3.66 -4.69
CA GLY B 359 -34.04 4.00 -5.22
C GLY B 359 -35.08 2.93 -4.91
N PHE B 360 -34.63 1.70 -4.52
CA PHE B 360 -35.53 0.56 -4.45
C PHE B 360 -35.41 -0.25 -3.19
N TYR B 361 -36.48 -0.95 -2.87
CA TYR B 361 -36.44 -2.01 -1.86
C TYR B 361 -36.14 -3.25 -2.71
N VAL B 362 -35.05 -3.96 -2.37
CA VAL B 362 -34.56 -5.08 -3.15
C VAL B 362 -34.66 -6.37 -2.34
N VAL B 363 -35.38 -7.35 -2.89
CA VAL B 363 -35.65 -8.62 -2.21
C VAL B 363 -34.79 -9.68 -2.86
N PHE B 364 -33.88 -10.26 -2.08
CA PHE B 364 -33.01 -11.33 -2.55
C PHE B 364 -33.66 -12.65 -2.17
N ASP B 365 -34.57 -13.12 -3.03
CA ASP B 365 -35.37 -14.31 -2.77
C ASP B 365 -34.62 -15.54 -3.28
N ARG B 366 -33.63 -15.96 -2.47
CA ARG B 366 -32.78 -17.10 -2.81
C ARG B 366 -33.62 -18.39 -2.93
N ALA B 367 -34.66 -18.54 -2.08
CA ALA B 367 -35.51 -19.75 -2.12
C ALA B 367 -36.22 -19.95 -3.47
N ARG B 368 -36.64 -18.83 -4.10
CA ARG B 368 -37.33 -18.87 -5.39
C ARG B 368 -36.46 -18.39 -6.54
N LYS B 369 -35.11 -18.26 -6.32
CA LYS B 369 -34.12 -17.91 -7.34
C LYS B 369 -34.58 -16.65 -8.12
N ARG B 370 -34.91 -15.59 -7.38
CA ARG B 370 -35.38 -14.36 -8.02
C ARG B 370 -35.03 -13.15 -7.19
N ILE B 371 -34.99 -11.97 -7.84
CA ILE B 371 -34.73 -10.72 -7.13
C ILE B 371 -35.92 -9.81 -7.40
N GLY B 372 -36.48 -9.25 -6.33
CA GLY B 372 -37.61 -8.35 -6.44
C GLY B 372 -37.21 -6.90 -6.28
N PHE B 373 -37.90 -6.02 -6.99
CA PHE B 373 -37.68 -4.59 -6.90
C PHE B 373 -39.02 -3.93 -6.68
N ALA B 374 -39.02 -2.95 -5.79
CA ALA B 374 -40.17 -2.06 -5.60
C ALA B 374 -39.60 -0.67 -5.31
N VAL B 375 -40.41 0.37 -5.59
CA VAL B 375 -39.96 1.71 -5.24
C VAL B 375 -39.74 1.82 -3.72
N SER B 376 -38.59 2.34 -3.30
CA SER B 376 -38.29 2.48 -1.88
C SER B 376 -39.08 3.59 -1.25
N ALA B 377 -39.57 3.32 -0.02
CA ALA B 377 -40.25 4.34 0.77
C ALA B 377 -39.27 5.48 1.17
N CYS B 378 -37.93 5.25 1.07
CA CYS B 378 -36.95 6.28 1.43
C CYS B 378 -36.20 6.83 0.20
N HIS B 379 -36.71 6.60 -1.04
CA HIS B 379 -35.93 7.15 -2.16
C HIS B 379 -36.06 8.68 -2.23
N VAL B 380 -34.98 9.30 -2.68
CA VAL B 380 -34.91 10.75 -2.84
C VAL B 380 -35.53 11.14 -4.19
N HIS B 381 -36.42 12.14 -4.19
CA HIS B 381 -37.06 12.57 -5.43
C HIS B 381 -37.42 14.03 -5.31
N ASP B 382 -38.18 14.56 -6.29
CA ASP B 382 -38.63 15.94 -6.23
C ASP B 382 -40.15 15.94 -6.42
N GLU B 383 -40.76 17.14 -6.52
CA GLU B 383 -42.22 17.19 -6.65
C GLU B 383 -42.74 16.80 -8.02
N PHE B 384 -41.83 16.68 -9.01
CA PHE B 384 -42.24 16.42 -10.39
C PHE B 384 -42.04 15.02 -10.88
N ARG B 385 -41.05 14.30 -10.32
CA ARG B 385 -40.72 12.94 -10.76
C ARG B 385 -40.41 12.06 -9.58
N THR B 386 -40.68 10.76 -9.74
CA THR B 386 -40.38 9.76 -8.73
CA THR B 386 -40.35 9.76 -8.72
C THR B 386 -39.69 8.56 -9.40
N ALA B 387 -38.98 7.74 -8.60
CA ALA B 387 -38.44 6.52 -9.17
C ALA B 387 -39.69 5.61 -9.44
N ALA B 388 -39.52 4.56 -10.27
CA ALA B 388 -40.66 3.72 -10.61
C ALA B 388 -40.24 2.29 -10.85
N VAL B 389 -41.17 1.35 -10.65
CA VAL B 389 -41.01 -0.07 -11.00
C VAL B 389 -42.33 -0.40 -11.67
N GLU B 390 -42.29 -0.68 -12.98
CA GLU B 390 -43.52 -0.78 -13.79
C GLU B 390 -43.46 -1.92 -14.76
N GLY B 391 -44.63 -2.47 -15.06
CA GLY B 391 -44.70 -3.54 -16.05
C GLY B 391 -46.13 -3.99 -16.21
N PRO B 392 -46.37 -5.00 -17.04
CA PRO B 392 -45.40 -5.74 -17.85
C PRO B 392 -45.24 -5.17 -19.25
N PHE B 393 -44.15 -5.55 -19.91
CA PHE B 393 -43.89 -5.23 -21.32
C PHE B 393 -43.66 -6.55 -22.03
N VAL B 394 -44.10 -6.64 -23.27
CA VAL B 394 -43.86 -7.84 -24.06
C VAL B 394 -42.44 -7.75 -24.64
N THR B 395 -41.57 -8.72 -24.29
CA THR B 395 -40.20 -8.70 -24.79
C THR B 395 -39.82 -10.09 -25.27
N LEU B 396 -39.40 -10.21 -26.53
CA LEU B 396 -39.06 -11.52 -27.07
C LEU B 396 -37.57 -11.81 -26.98
N ASP B 397 -37.21 -13.11 -27.04
CA ASP B 397 -35.83 -13.61 -27.07
C ASP B 397 -34.94 -13.03 -25.98
N MET B 398 -35.47 -12.94 -24.75
CA MET B 398 -34.74 -12.37 -23.62
C MET B 398 -33.53 -13.19 -23.21
N GLU B 399 -33.56 -14.52 -23.44
CA GLU B 399 -32.43 -15.40 -23.13
C GLU B 399 -31.21 -15.02 -23.97
N ASP B 400 -31.43 -14.48 -25.19
CA ASP B 400 -30.38 -14.00 -26.10
C ASP B 400 -29.65 -12.78 -25.54
N CYS B 401 -30.23 -12.08 -24.55
CA CYS B 401 -29.55 -10.93 -23.94
C CYS B 401 -28.42 -11.37 -22.98
N GLY B 402 -28.50 -12.60 -22.51
CA GLY B 402 -27.50 -13.16 -21.61
C GLY B 402 -26.23 -13.48 -22.35
N TYR B 403 -25.09 -13.18 -21.73
CA TYR B 403 -23.80 -13.47 -22.35
C TYR B 403 -23.31 -14.86 -21.96
N ASN B 404 -22.72 -15.58 -22.93
CA ASN B 404 -22.16 -16.92 -22.72
C ASN B 404 -20.67 -16.95 -23.04
C1 66F C . 23.09 6.10 12.88
C2 66F C . 22.42 7.30 12.22
C3 66F C . 23.22 8.56 12.54
C4 66F C . 20.99 7.56 12.65
S5 66F C . 19.94 6.21 12.19
N6 66F C . 20.55 5.85 10.62
C7 66F C . 21.67 6.52 10.06
N8 66F C . 22.49 7.23 10.76
N9 66F C . 21.78 6.38 8.71
C10 66F C . 19.68 4.94 9.84
O11 66F C . 18.61 6.76 12.01
O12 66F C . 20.22 5.03 12.94
C13 66F C . 23.61 5.06 12.12
C14 66F C . 24.21 3.96 12.70
C15 66F C . 24.34 3.87 14.08
C16 66F C . 23.83 4.90 14.84
C17 66F C . 23.19 5.98 14.25
F18 66F C . 22.67 6.96 15.03
N19 66F C . 24.69 2.99 11.81
C20 66F C . 25.77 -1.31 10.00
C21 66F C . 25.85 -0.70 8.76
C22 66F C . 25.70 0.66 8.69
N23 66F C . 25.47 1.44 9.76
C24 66F C . 25.39 0.83 10.95
C25 66F C . 25.54 -0.53 11.13
C26 66F C . 25.14 1.71 12.12
O27 66F C . 25.31 1.27 13.25
F28 66F C . 26.09 -1.40 7.64
C1 66F D . -15.13 -5.35 -1.59
C2 66F D . -15.48 -6.65 -2.29
C3 66F D . -15.30 -7.79 -1.28
C4 66F D . -14.59 -6.97 -3.47
S5 66F D . -14.85 -5.82 -4.78
N6 66F D . -16.56 -5.61 -4.71
C7 66F D . -17.37 -6.20 -3.72
N8 66F D . -16.91 -6.74 -2.64
N9 66F D . -18.72 -6.17 -4.02
C10 66F D . -17.08 -4.90 -5.90
O11 66F D . -14.58 -6.51 -6.03
O12 66F D . -14.28 -4.57 -4.38
C13 66F D . -16.09 -4.34 -1.48
C14 66F D . -15.83 -3.15 -0.83
C15 66F D . -14.59 -2.94 -0.26
C16 66F D . -13.61 -3.91 -0.39
C17 66F D . -13.89 -5.09 -1.04
F18 66F D . -12.91 -6.02 -1.15
N19 66F D . -16.89 -2.23 -0.75
C20 66F D . -19.22 1.92 -0.75
C21 66F D . -20.37 1.20 -0.95
C22 66F D . -20.30 -0.18 -0.96
N23 66F D . -19.16 -0.86 -0.77
C24 66F D . -18.06 -0.12 -0.57
C25 66F D . -18.02 1.27 -0.55
C26 66F D . -16.80 -0.89 -0.38
O27 66F D . -15.80 -0.35 0.05
F28 66F D . -21.58 1.78 -1.15
#